data_5IJG
#
_entry.id   5IJG
#
_cell.length_a   109.710
_cell.length_b   109.710
_cell.length_c   110.770
_cell.angle_alpha   90.00
_cell.angle_beta   90.00
_cell.angle_gamma   120.00
#
_symmetry.space_group_name_H-M   'P 32 2 1'
#
loop_
_entity.id
_entity.type
_entity.pdbx_description
1 polymer 'Cys/Met metabolism pyridoxal-phosphate-dependent enzyme'
2 non-polymer "PYRIDOXAL-5'-PHOSPHATE"
3 non-polymer GLYCEROL
4 water water
#
_entity_poly.entity_id   1
_entity_poly.type   'polypeptide(L)'
_entity_poly.pdbx_seq_one_letter_code
;MTAPRPSKIRLGNHLLHPETQMLNYGYDSELSEGAVKPPVFLTSTFVFKTAEDGRDFFDFVSGRKEPPAGVGAGLVYSRF
NHPNSEIVEDRLAVYEGAESAALFSSGMSAIATTLFAFVRPGDVILHSQPLYGGTETLLAKTFFNFGVEAVAFADGVHEA
TIEKAAEEALAKGRVSVILIETPANPTNSIVDVAAVRRVAEKIEARQGSRPVIACDNTLLGPVFQKPLDHGADLSVYSLT
KYVGGHSDLIAGAVLGAKSVVRQVKALRGAIGTQLDPHSCWMLGRSLETLGLRMERADSNARAIAEFLRNHPKVEKLHYL
PFADERSDIAALFKRQCTGAGSTFSFDIKGGQAAAFRFLNALQILKLAVSLGGTESLASHPAAMTHSGVPVDVRERIGVL
ESTIRLSIGIEHPDDLIADLAQALDAA
;
_entity_poly.pdbx_strand_id   A,B
#
# COMPACT_ATOMS: atom_id res chain seq x y z
N LEU A 15 -5.86 -9.54 36.92
CA LEU A 15 -5.64 -9.89 35.47
C LEU A 15 -6.86 -9.42 34.63
N LEU A 16 -6.72 -8.24 34.01
CA LEU A 16 -7.78 -7.69 33.08
C LEU A 16 -7.92 -8.44 31.78
N HIS A 17 -9.16 -8.62 31.36
CA HIS A 17 -9.43 -9.21 30.04
C HIS A 17 -9.23 -8.19 28.89
N PRO A 18 -8.82 -8.67 27.70
CA PRO A 18 -8.51 -7.69 26.63
C PRO A 18 -9.76 -6.86 26.19
N GLU A 19 -10.93 -7.49 26.18
CA GLU A 19 -12.20 -6.83 25.77
C GLU A 19 -12.43 -5.60 26.61
N THR A 20 -12.10 -5.73 27.90
CA THR A 20 -12.07 -4.54 28.77
C THR A 20 -11.09 -3.45 28.37
N GLN A 21 -9.89 -3.85 27.99
CA GLN A 21 -8.87 -2.86 27.63
C GLN A 21 -9.00 -2.18 26.28
N MET A 22 -9.83 -2.72 25.39
CA MET A 22 -10.11 -2.04 24.13
C MET A 22 -10.94 -0.76 24.33
N LEU A 23 -11.64 -0.63 25.46
CA LEU A 23 -12.49 0.58 25.63
C LEU A 23 -11.80 1.70 26.42
N ASN A 84 -3.67 7.72 16.58
CA ASN A 84 -2.33 7.17 16.38
C ASN A 84 -2.35 5.67 16.00
N SER A 85 -1.63 5.36 14.94
CA SER A 85 -1.01 4.04 14.79
C SER A 85 -0.48 3.45 16.13
N GLU A 86 0.25 4.29 16.88
CA GLU A 86 0.88 3.85 18.17
C GLU A 86 -0.17 3.32 19.16
N ILE A 87 -1.25 4.06 19.32
CA ILE A 87 -2.30 3.64 20.28
C ILE A 87 -2.98 2.36 19.89
N VAL A 88 -3.27 2.23 18.61
CA VAL A 88 -3.96 1.00 18.18
C VAL A 88 -3.01 -0.22 18.27
N GLU A 89 -1.75 0.01 17.95
CA GLU A 89 -0.67 -1.04 18.06
C GLU A 89 -0.63 -1.58 19.51
N ASP A 90 -0.71 -0.63 20.46
CA ASP A 90 -0.68 -1.01 21.87
C ASP A 90 -1.84 -1.81 22.26
N ARG A 91 -3.05 -1.45 21.77
CA ARG A 91 -4.23 -2.27 21.99
C ARG A 91 -4.11 -3.68 21.40
N LEU A 92 -3.61 -3.75 20.17
CA LEU A 92 -3.42 -5.06 19.54
C LEU A 92 -2.45 -5.91 20.30
N ALA A 93 -1.34 -5.29 20.71
CA ALA A 93 -0.36 -6.00 21.56
C ALA A 93 -1.00 -6.57 22.86
N VAL A 94 -1.88 -5.82 23.49
CA VAL A 94 -2.64 -6.26 24.69
C VAL A 94 -3.52 -7.42 24.36
N TYR A 95 -4.28 -7.35 23.25
CA TYR A 95 -5.11 -8.48 22.85
C TYR A 95 -4.31 -9.75 22.59
N GLU A 96 -3.15 -9.60 21.97
CA GLU A 96 -2.31 -10.74 21.67
C GLU A 96 -1.59 -11.27 22.94
N GLY A 97 -1.28 -10.35 23.83
CA GLY A 97 -0.48 -10.62 25.02
C GLY A 97 0.97 -10.45 24.64
N ALA A 98 1.27 -9.53 23.75
CA ALA A 98 2.60 -9.43 23.20
C ALA A 98 3.10 -8.18 23.73
N GLU A 99 4.40 -8.01 23.66
CA GLU A 99 5.01 -6.79 24.01
C GLU A 99 4.83 -5.64 23.07
N SER A 100 4.92 -5.86 21.75
CA SER A 100 4.71 -4.70 20.85
C SER A 100 4.08 -5.11 19.51
N ALA A 101 3.61 -4.11 18.78
CA ALA A 101 2.93 -4.38 17.54
C ALA A 101 3.27 -3.31 16.58
N ALA A 102 3.31 -3.67 15.30
CA ALA A 102 3.46 -2.73 14.24
C ALA A 102 2.23 -2.95 13.21
N LEU A 103 1.59 -1.87 12.81
CA LEU A 103 0.52 -1.83 11.83
C LEU A 103 1.07 -1.48 10.43
N PHE A 104 0.45 -2.13 9.43
CA PHE A 104 0.76 -2.00 8.05
C PHE A 104 -0.52 -1.80 7.24
N SER A 105 -0.30 -1.27 6.03
CA SER A 105 -1.37 -0.99 5.07
C SER A 105 -2.17 -2.26 4.73
N SER A 106 -1.55 -3.42 4.78
CA SER A 106 -2.24 -4.69 4.45
C SER A 106 -1.57 -5.86 5.06
N GLY A 107 -2.24 -6.99 5.14
CA GLY A 107 -1.64 -8.24 5.44
C GLY A 107 -0.39 -8.54 4.62
N MET A 108 -0.49 -8.34 3.31
CA MET A 108 0.62 -8.65 2.43
C MET A 108 1.82 -7.72 2.68
N SER A 109 1.56 -6.45 2.97
CA SER A 109 2.64 -5.56 3.27
C SER A 109 3.28 -5.85 4.62
N ALA A 110 2.53 -6.40 5.57
CA ALA A 110 3.07 -6.83 6.85
C ALA A 110 4.02 -7.99 6.64
N ILE A 111 3.57 -8.93 5.80
CA ILE A 111 4.37 -10.09 5.41
C ILE A 111 5.62 -9.71 4.65
N ALA A 112 5.48 -8.86 3.65
CA ALA A 112 6.63 -8.48 2.92
C ALA A 112 7.65 -7.74 3.75
N THR A 113 7.19 -6.74 4.51
CA THR A 113 8.07 -5.96 5.30
C THR A 113 8.83 -6.85 6.29
N THR A 114 8.17 -7.80 6.95
CA THR A 114 8.80 -8.74 7.82
C THR A 114 9.91 -9.56 7.12
N LEU A 115 9.62 -10.07 5.93
CA LEU A 115 10.59 -10.82 5.21
C LEU A 115 11.79 -9.97 4.82
N PHE A 116 11.55 -8.81 4.24
CA PHE A 116 12.65 -7.98 3.87
C PHE A 116 13.47 -7.49 5.10
N ALA A 117 12.90 -7.41 6.32
CA ALA A 117 13.70 -7.09 7.50
C ALA A 117 14.70 -8.17 7.85
N PHE A 118 14.42 -9.44 7.48
CA PHE A 118 15.19 -10.56 7.96
C PHE A 118 15.97 -11.34 6.95
N VAL A 119 15.65 -11.23 5.67
CA VAL A 119 16.34 -12.12 4.69
C VAL A 119 17.31 -11.30 3.87
N ARG A 120 18.29 -11.98 3.27
CA ARG A 120 19.29 -11.40 2.38
C ARG A 120 19.58 -12.44 1.31
N PRO A 121 20.06 -12.02 0.14
CA PRO A 121 20.45 -13.00 -0.93
C PRO A 121 21.32 -14.09 -0.40
N GLY A 122 21.04 -15.30 -0.83
CA GLY A 122 21.66 -16.52 -0.30
C GLY A 122 20.87 -17.19 0.82
N ASP A 123 19.87 -16.51 1.38
CA ASP A 123 19.05 -17.12 2.43
C ASP A 123 18.05 -18.13 1.88
N VAL A 124 17.43 -18.85 2.79
CA VAL A 124 16.39 -19.81 2.53
C VAL A 124 15.29 -19.50 3.56
N ILE A 125 14.05 -19.44 3.08
CA ILE A 125 12.86 -19.32 3.90
C ILE A 125 12.29 -20.71 3.94
N LEU A 126 12.26 -21.28 5.13
CA LEU A 126 11.65 -22.57 5.35
C LEU A 126 10.21 -22.25 5.69
N HIS A 127 9.27 -23.02 5.19
CA HIS A 127 7.85 -22.67 5.41
C HIS A 127 6.93 -23.83 5.37
N SER A 128 5.78 -23.65 6.01
CA SER A 128 4.71 -24.62 5.98
C SER A 128 3.89 -24.49 4.67
N GLN A 129 2.92 -25.35 4.49
CA GLN A 129 2.19 -25.53 3.28
C GLN A 129 0.82 -26.08 3.62
N PRO A 130 -0.25 -25.55 3.02
CA PRO A 130 -0.28 -24.41 2.13
C PRO A 130 -0.16 -23.04 2.82
N LEU A 131 0.32 -22.05 2.10
CA LEU A 131 0.28 -20.68 2.52
C LEU A 131 -0.77 -19.97 1.73
N TYR A 132 -1.16 -18.81 2.22
CA TYR A 132 -1.98 -17.94 1.46
C TYR A 132 -1.35 -17.65 0.08
N GLY A 133 -2.18 -17.48 -0.94
CA GLY A 133 -1.70 -17.46 -2.32
C GLY A 133 -0.83 -16.29 -2.59
N GLY A 134 -1.15 -15.13 -2.03
CA GLY A 134 -0.29 -13.93 -2.10
C GLY A 134 1.11 -14.16 -1.49
N THR A 135 1.16 -14.92 -0.42
CA THR A 135 2.42 -15.25 0.21
C THR A 135 3.25 -16.20 -0.67
N GLU A 136 2.60 -17.20 -1.21
CA GLU A 136 3.27 -18.08 -2.21
C GLU A 136 3.89 -17.29 -3.36
N THR A 137 3.15 -16.35 -3.92
CA THR A 137 3.62 -15.53 -5.04
C THR A 137 4.82 -14.71 -4.61
N LEU A 138 4.71 -14.19 -3.39
CA LEU A 138 5.72 -13.36 -2.87
C LEU A 138 7.00 -14.13 -2.75
N LEU A 139 6.96 -15.33 -2.20
CA LEU A 139 8.11 -16.17 -2.13
C LEU A 139 8.59 -16.56 -3.53
N ALA A 140 7.69 -17.12 -4.34
CA ALA A 140 8.06 -17.78 -5.62
C ALA A 140 8.59 -16.81 -6.61
N LYS A 141 8.09 -15.58 -6.62
CA LYS A 141 8.54 -14.58 -7.55
C LYS A 141 9.51 -13.60 -6.94
N THR A 142 9.02 -12.67 -6.10
CA THR A 142 9.79 -11.55 -5.67
C THR A 142 11.03 -12.00 -4.92
N PHE A 143 10.86 -12.90 -3.94
CA PHE A 143 12.03 -13.27 -3.10
C PHE A 143 13.01 -14.13 -3.86
N PHE A 144 12.48 -14.96 -4.74
CA PHE A 144 13.32 -15.79 -5.60
C PHE A 144 14.23 -14.92 -6.51
N ASN A 145 13.68 -13.86 -7.07
CA ASN A 145 14.44 -12.84 -7.79
C ASN A 145 15.49 -12.10 -7.02
N PHE A 146 15.35 -12.01 -5.70
CA PHE A 146 16.36 -11.40 -4.81
C PHE A 146 17.29 -12.41 -4.17
N GLY A 147 17.39 -13.59 -4.79
CA GLY A 147 18.37 -14.58 -4.37
C GLY A 147 17.99 -15.30 -3.09
N VAL A 148 16.70 -15.31 -2.72
CA VAL A 148 16.24 -16.05 -1.51
C VAL A 148 15.39 -17.22 -1.95
N GLU A 149 15.83 -18.42 -1.63
CA GLU A 149 15.09 -19.62 -1.97
C GLU A 149 14.11 -19.98 -0.86
N ALA A 150 13.31 -21.00 -1.10
CA ALA A 150 12.22 -21.39 -0.17
C ALA A 150 12.13 -22.89 -0.17
N VAL A 151 11.87 -23.50 0.97
CA VAL A 151 11.65 -24.94 1.07
C VAL A 151 10.41 -25.13 1.90
N ALA A 152 9.53 -25.98 1.41
CA ALA A 152 8.28 -26.29 2.08
C ALA A 152 8.38 -27.55 2.87
N PHE A 153 7.66 -27.58 3.95
CA PHE A 153 7.18 -28.87 4.54
C PHE A 153 5.66 -29.00 4.42
N ALA A 154 5.22 -30.10 3.85
CA ALA A 154 3.77 -30.39 3.73
C ALA A 154 3.16 -30.78 5.07
N ASP A 155 3.91 -31.53 5.87
CA ASP A 155 3.38 -32.03 7.16
C ASP A 155 3.93 -31.27 8.29
N GLY A 156 3.16 -30.31 8.79
CA GLY A 156 3.66 -29.57 9.92
C GLY A 156 3.21 -30.06 11.27
N VAL A 157 2.50 -31.17 11.27
CA VAL A 157 2.05 -31.76 12.52
C VAL A 157 3.22 -32.51 13.21
N HIS A 158 4.03 -33.17 12.42
CA HIS A 158 5.14 -34.02 12.93
C HIS A 158 6.49 -33.35 12.82
N GLU A 159 7.14 -33.23 13.97
CA GLU A 159 8.50 -32.73 14.05
C GLU A 159 9.43 -33.39 13.04
N ALA A 160 9.27 -34.68 12.79
CA ALA A 160 10.15 -35.39 11.89
C ALA A 160 10.11 -34.89 10.40
N THR A 161 8.93 -34.56 9.91
CA THR A 161 8.77 -34.00 8.57
C THR A 161 9.22 -32.53 8.49
N ILE A 162 9.02 -31.79 9.58
CA ILE A 162 9.51 -30.45 9.63
C ILE A 162 11.03 -30.51 9.61
N GLU A 163 11.59 -31.36 10.48
CA GLU A 163 13.08 -31.67 10.46
C GLU A 163 13.69 -32.05 9.08
N LYS A 164 13.15 -33.05 8.39
CA LYS A 164 13.56 -33.36 6.99
C LYS A 164 13.66 -32.11 6.08
N ALA A 165 12.64 -31.25 6.15
CA ALA A 165 12.63 -30.05 5.35
C ALA A 165 13.71 -29.10 5.71
N ALA A 166 13.92 -28.92 7.01
CA ALA A 166 14.94 -27.98 7.50
C ALA A 166 16.33 -28.40 6.98
N GLU A 167 16.57 -29.69 6.95
CA GLU A 167 17.85 -30.19 6.45
C GLU A 167 18.00 -29.87 4.98
N GLU A 168 16.99 -30.14 4.15
CA GLU A 168 17.02 -29.64 2.75
C GLU A 168 17.36 -28.15 2.71
N ALA A 169 16.75 -27.39 3.58
CA ALA A 169 16.93 -25.94 3.56
C ALA A 169 18.35 -25.56 3.98
N LEU A 170 18.83 -26.11 5.07
CA LEU A 170 20.23 -25.84 5.45
C LEU A 170 21.22 -26.08 4.33
N ALA A 171 20.97 -27.13 3.55
CA ALA A 171 21.82 -27.47 2.43
C ALA A 171 21.87 -26.42 1.37
N LYS A 172 20.88 -25.53 1.30
CA LYS A 172 20.80 -24.57 0.19
C LYS A 172 21.26 -23.21 0.64
N GLY A 173 21.28 -22.95 1.94
CA GLY A 173 21.78 -21.69 2.44
C GLY A 173 21.40 -21.38 3.85
N ARG A 174 21.55 -20.13 4.21
CA ARG A 174 21.31 -19.75 5.61
C ARG A 174 19.77 -19.70 5.78
N VAL A 175 19.23 -20.43 6.74
CA VAL A 175 17.80 -20.40 7.02
C VAL A 175 17.55 -19.25 8.00
N SER A 176 17.01 -18.13 7.53
CA SER A 176 16.85 -16.86 8.33
C SER A 176 15.43 -16.63 8.85
N VAL A 177 14.49 -17.22 8.16
CA VAL A 177 13.11 -17.20 8.60
C VAL A 177 12.53 -18.54 8.46
N ILE A 178 11.69 -18.92 9.43
CA ILE A 178 10.76 -20.01 9.28
C ILE A 178 9.35 -19.38 9.21
N LEU A 179 8.66 -19.52 8.09
CA LEU A 179 7.35 -18.79 7.88
C LEU A 179 6.23 -19.81 7.93
N ILE A 180 5.40 -19.73 8.95
CA ILE A 180 4.32 -20.68 9.01
C ILE A 180 2.94 -20.00 9.01
N GLU A 181 1.92 -20.80 8.78
CA GLU A 181 0.52 -20.29 8.68
C GLU A 181 -0.35 -21.41 9.23
N THR A 182 -0.94 -21.19 10.38
CA THR A 182 -1.79 -22.22 11.02
C THR A 182 -2.92 -21.64 11.85
N PRO A 183 -4.12 -22.25 11.76
CA PRO A 183 -4.49 -23.21 10.77
C PRO A 183 -4.44 -22.56 9.37
N ALA A 184 -4.39 -23.39 8.37
CA ALA A 184 -4.32 -22.97 7.01
C ALA A 184 -5.73 -23.01 6.34
N ASN A 185 -5.95 -22.04 5.50
CA ASN A 185 -7.12 -21.89 4.66
C ASN A 185 -6.97 -22.84 3.48
N PRO A 186 -8.02 -23.56 3.03
CA PRO A 186 -9.39 -23.37 3.48
C PRO A 186 -9.88 -24.57 4.29
N THR A 187 -8.97 -25.52 4.56
CA THR A 187 -9.36 -26.82 5.17
C THR A 187 -8.76 -27.04 6.50
N ASN A 188 -8.18 -26.00 7.07
CA ASN A 188 -7.76 -25.98 8.45
C ASN A 188 -6.63 -26.96 8.79
N SER A 189 -5.74 -27.24 7.82
CA SER A 189 -4.44 -27.92 8.10
C SER A 189 -3.76 -27.21 9.23
N ILE A 190 -3.06 -27.92 10.11
CA ILE A 190 -2.36 -27.27 11.17
C ILE A 190 -0.86 -27.63 11.35
N VAL A 191 -0.18 -26.72 12.01
CA VAL A 191 1.24 -26.91 12.27
C VAL A 191 1.58 -26.67 13.72
N ASP A 192 2.54 -27.44 14.19
CA ASP A 192 2.93 -27.48 15.59
C ASP A 192 4.02 -26.48 15.77
N VAL A 193 3.65 -25.40 16.43
CA VAL A 193 4.47 -24.23 16.55
C VAL A 193 5.67 -24.54 17.50
N ALA A 194 5.40 -25.22 18.60
CA ALA A 194 6.50 -25.66 19.50
C ALA A 194 7.47 -26.58 18.80
N ALA A 195 6.95 -27.52 18.00
CA ALA A 195 7.80 -28.36 17.18
C ALA A 195 8.66 -27.52 16.28
N VAL A 196 8.08 -26.55 15.59
CA VAL A 196 8.88 -25.71 14.71
C VAL A 196 9.97 -24.98 15.51
N ARG A 197 9.65 -24.56 16.72
CA ARG A 197 10.63 -23.86 17.50
C ARG A 197 11.83 -24.79 17.83
N ARG A 198 11.56 -26.02 18.19
CA ARG A 198 12.63 -26.99 18.45
C ARG A 198 13.46 -27.21 17.21
N VAL A 199 12.82 -27.28 16.04
CA VAL A 199 13.55 -27.44 14.78
C VAL A 199 14.40 -26.24 14.48
N ALA A 200 13.94 -25.07 14.89
CA ALA A 200 14.71 -23.87 14.76
C ALA A 200 15.98 -23.87 15.66
N GLU A 201 15.85 -24.41 16.85
CA GLU A 201 16.96 -24.46 17.82
C GLU A 201 18.01 -25.50 17.34
N LYS A 202 17.60 -26.57 16.65
CA LYS A 202 18.52 -27.46 15.92
C LYS A 202 19.22 -26.83 14.77
N ILE A 203 18.51 -25.95 14.08
CA ILE A 203 19.12 -25.23 13.01
C ILE A 203 20.23 -24.34 13.53
N GLU A 204 19.93 -23.58 14.56
CA GLU A 204 20.89 -22.75 15.26
C GLU A 204 22.18 -23.51 15.63
N ALA A 205 22.00 -24.69 16.24
CA ALA A 205 23.10 -25.59 16.54
C ALA A 205 23.88 -25.93 15.26
N ARG A 206 23.21 -26.29 14.16
CA ARG A 206 23.90 -26.68 12.93
C ARG A 206 24.39 -25.55 12.01
N GLN A 207 24.01 -24.28 12.20
CA GLN A 207 24.44 -23.15 11.30
C GLN A 207 24.94 -21.87 11.96
N GLY A 208 24.72 -21.70 13.26
CA GLY A 208 25.24 -20.53 13.95
C GLY A 208 24.26 -19.45 14.32
N SER A 209 23.02 -19.54 13.85
CA SER A 209 22.02 -18.46 14.10
C SER A 209 20.67 -19.15 13.99
N ARG A 210 19.73 -18.60 14.74
CA ARG A 210 18.42 -19.21 14.83
C ARG A 210 17.51 -18.38 13.95
N PRO A 211 16.81 -19.02 13.00
CA PRO A 211 15.82 -18.27 12.19
C PRO A 211 14.69 -17.61 13.01
N VAL A 212 14.22 -16.47 12.50
CA VAL A 212 13.00 -15.83 13.02
C VAL A 212 11.80 -16.70 12.61
N ILE A 213 10.97 -17.08 13.58
CA ILE A 213 9.76 -17.83 13.31
C ILE A 213 8.58 -16.84 13.21
N ALA A 214 8.04 -16.67 12.02
CA ALA A 214 6.84 -15.79 11.82
C ALA A 214 5.62 -16.68 11.50
N CYS A 215 4.55 -16.50 12.27
CA CYS A 215 3.35 -17.33 12.20
C CYS A 215 2.19 -16.41 11.76
N ASP A 216 1.70 -16.70 10.57
CA ASP A 216 0.50 -15.99 10.01
C ASP A 216 -0.74 -16.57 10.75
N ASN A 217 -1.14 -15.78 11.72
CA ASN A 217 -2.17 -16.18 12.69
C ASN A 217 -3.56 -15.58 12.29
N THR A 218 -3.72 -15.19 11.05
CA THR A 218 -5.02 -14.58 10.57
C THR A 218 -6.28 -15.36 10.86
N LEU A 219 -6.20 -16.66 10.69
CA LEU A 219 -7.35 -17.49 10.85
C LEU A 219 -8.00 -17.51 12.25
N LEU A 220 -7.18 -17.61 13.29
CA LEU A 220 -7.71 -17.69 14.68
C LEU A 220 -7.38 -16.54 15.60
N GLY A 221 -6.49 -15.67 15.19
CA GLY A 221 -5.98 -14.69 16.06
C GLY A 221 -6.79 -13.45 16.11
N PRO A 222 -6.74 -12.70 17.23
CA PRO A 222 -5.90 -13.01 18.42
C PRO A 222 -6.66 -13.77 19.50
N VAL A 223 -7.94 -14.06 19.27
CA VAL A 223 -8.77 -14.61 20.29
C VAL A 223 -8.49 -16.07 20.54
N PHE A 224 -8.34 -16.87 19.48
CA PHE A 224 -8.37 -18.31 19.64
C PHE A 224 -7.01 -19.05 19.45
N GLN A 225 -5.94 -18.30 19.29
CA GLN A 225 -4.57 -18.88 19.24
C GLN A 225 -3.59 -17.79 19.53
N LYS A 226 -2.54 -18.09 20.30
CA LYS A 226 -1.50 -17.11 20.54
C LYS A 226 -0.15 -17.71 20.21
N PRO A 227 0.31 -17.55 18.97
CA PRO A 227 1.45 -18.34 18.59
C PRO A 227 2.75 -17.90 19.34
N LEU A 228 2.84 -16.68 19.85
CA LEU A 228 3.99 -16.23 20.64
C LEU A 228 4.08 -17.00 22.00
N ASP A 229 3.01 -17.68 22.39
CA ASP A 229 2.97 -18.45 23.64
C ASP A 229 3.43 -19.89 23.42
N HIS A 230 3.69 -20.26 22.17
CA HIS A 230 4.02 -21.64 21.79
C HIS A 230 5.30 -21.80 20.93
N GLY A 231 6.09 -20.76 20.90
CA GLY A 231 7.38 -20.77 20.22
C GLY A 231 7.63 -19.81 19.04
N ALA A 232 6.65 -19.00 18.61
CA ALA A 232 6.86 -18.14 17.50
C ALA A 232 7.57 -16.95 17.97
N ASP A 233 8.37 -16.33 17.09
CA ASP A 233 8.94 -15.01 17.35
C ASP A 233 8.04 -13.89 16.92
N LEU A 234 7.17 -14.13 15.94
CA LEU A 234 6.28 -13.03 15.50
C LEU A 234 4.94 -13.60 15.08
N SER A 235 3.91 -12.82 15.37
CA SER A 235 2.52 -13.18 15.05
C SER A 235 2.09 -12.18 14.04
N VAL A 236 1.74 -12.66 12.84
CA VAL A 236 1.54 -11.80 11.68
C VAL A 236 0.06 -12.00 11.23
N TYR A 237 -0.59 -10.90 10.90
CA TYR A 237 -2.03 -10.83 10.60
C TYR A 237 -2.32 -10.14 9.33
N SER A 238 -3.29 -10.65 8.58
CA SER A 238 -4.15 -9.76 7.81
C SER A 238 -5.30 -9.37 8.71
N LEU A 239 -5.30 -8.15 9.19
CA LEU A 239 -6.45 -7.70 9.95
C LEU A 239 -7.70 -7.44 9.03
N THR A 240 -7.47 -7.30 7.72
CA THR A 240 -8.55 -7.16 6.72
C THR A 240 -9.63 -8.19 6.83
N LYS A 241 -9.19 -9.41 7.11
CA LYS A 241 -10.03 -10.59 7.05
C LYS A 241 -11.12 -10.77 8.07
N TYR A 242 -10.83 -10.52 9.36
CA TYR A 242 -11.74 -10.86 10.49
C TYR A 242 -11.75 -9.78 11.58
N VAL A 243 -10.60 -9.24 11.90
CA VAL A 243 -10.49 -8.20 12.93
C VAL A 243 -11.14 -6.89 12.56
N GLY A 244 -10.82 -6.34 11.42
CA GLY A 244 -11.41 -5.12 11.00
C GLY A 244 -12.92 -5.07 10.79
N GLY A 245 -13.50 -6.15 10.31
CA GLY A 245 -14.91 -6.23 10.19
C GLY A 245 -15.57 -5.84 8.90
N HIS A 246 -14.86 -5.12 8.02
CA HIS A 246 -15.56 -4.56 6.83
C HIS A 246 -14.72 -4.52 5.59
N SER A 247 -15.38 -4.53 4.44
CA SER A 247 -14.67 -4.65 3.14
C SER A 247 -13.76 -3.43 2.88
N ASP A 248 -14.07 -2.29 3.50
CA ASP A 248 -13.31 -1.06 3.24
C ASP A 248 -12.15 -0.84 4.26
N LEU A 249 -11.89 -1.82 5.15
CA LEU A 249 -10.82 -1.70 6.13
C LEU A 249 -9.83 -2.80 5.84
N ILE A 250 -8.70 -2.41 5.26
CA ILE A 250 -7.55 -3.28 4.92
C ILE A 250 -6.36 -2.90 5.84
N ALA A 251 -5.73 -3.93 6.41
CA ALA A 251 -4.66 -3.72 7.35
C ALA A 251 -3.95 -4.97 7.65
N GLY A 252 -2.70 -4.79 8.07
CA GLY A 252 -1.89 -5.86 8.50
C GLY A 252 -1.16 -5.53 9.82
N ALA A 253 -0.73 -6.57 10.51
CA ALA A 253 0.03 -6.42 11.75
C ALA A 253 1.10 -7.45 11.97
N VAL A 254 2.10 -7.01 12.73
CA VAL A 254 3.22 -7.86 13.18
C VAL A 254 3.39 -7.55 14.70
N LEU A 255 3.33 -8.61 15.51
CA LEU A 255 3.34 -8.60 16.94
C LEU A 255 4.48 -9.54 17.47
N GLY A 256 5.10 -9.08 18.54
CA GLY A 256 6.16 -9.82 19.22
C GLY A 256 6.93 -8.96 20.19
N ALA A 257 8.20 -9.36 20.44
CA ALA A 257 9.08 -8.59 21.33
C ALA A 257 9.50 -7.29 20.69
N LYS A 258 9.63 -6.23 21.50
CA LYS A 258 9.97 -4.92 21.09
C LYS A 258 11.15 -4.93 20.18
N SER A 259 12.11 -5.83 20.39
CA SER A 259 13.33 -5.72 19.61
C SER A 259 13.19 -6.39 18.25
N VAL A 260 12.40 -7.44 18.17
CA VAL A 260 12.17 -8.07 16.89
C VAL A 260 11.24 -7.15 16.08
N VAL A 261 10.23 -6.63 16.75
CA VAL A 261 9.29 -5.70 16.12
C VAL A 261 9.99 -4.46 15.69
N ARG A 262 10.96 -3.96 16.46
CA ARG A 262 11.61 -2.67 16.14
C ARG A 262 12.29 -2.78 14.81
N GLN A 263 12.83 -3.96 14.56
CA GLN A 263 13.49 -4.20 13.28
C GLN A 263 12.48 -4.14 12.09
N VAL A 264 11.28 -4.63 12.34
CA VAL A 264 10.23 -4.61 11.30
C VAL A 264 9.81 -3.21 11.06
N LYS A 265 9.61 -2.41 12.11
CA LYS A 265 9.32 -0.98 11.90
C LYS A 265 10.31 -0.16 11.21
N ALA A 266 11.58 -0.49 11.38
CA ALA A 266 12.56 0.30 10.64
C ALA A 266 12.43 0.11 9.15
N LEU A 267 12.20 -1.14 8.77
CA LEU A 267 12.03 -1.45 7.38
C LEU A 267 10.65 -0.81 6.89
N ARG A 268 9.65 -0.86 7.73
CA ARG A 268 8.36 -0.20 7.43
C ARG A 268 8.54 1.24 7.07
N GLY A 269 9.39 1.96 7.85
CA GLY A 269 9.65 3.38 7.65
C GLY A 269 10.32 3.61 6.31
N ALA A 270 11.20 2.72 5.93
CA ALA A 270 11.99 2.83 4.73
C ALA A 270 11.19 2.57 3.47
N ILE A 271 10.36 1.54 3.50
CA ILE A 271 9.60 1.21 2.28
C ILE A 271 8.17 1.77 2.27
N GLY A 272 7.79 2.51 3.32
CA GLY A 272 6.51 3.25 3.35
C GLY A 272 5.24 2.41 3.40
N THR A 273 5.32 1.32 4.18
CA THR A 273 4.20 0.38 4.38
C THR A 273 3.30 0.52 5.57
N GLN A 274 3.32 1.68 6.21
CA GLN A 274 2.44 2.02 7.34
C GLN A 274 0.97 2.06 6.95
N LEU A 275 0.14 1.80 7.93
CA LEU A 275 -1.30 1.91 7.83
C LEU A 275 -1.67 3.34 7.92
N ASP A 276 -2.60 3.84 7.09
CA ASP A 276 -2.93 5.25 7.06
C ASP A 276 -3.70 5.64 8.34
N PRO A 277 -3.69 6.93 8.70
CA PRO A 277 -4.35 7.27 9.99
C PRO A 277 -5.84 6.97 10.06
N HIS A 278 -6.59 7.26 9.01
CA HIS A 278 -8.00 6.98 9.05
C HIS A 278 -8.32 5.53 9.29
N SER A 279 -7.63 4.63 8.58
CA SER A 279 -7.73 3.22 8.88
C SER A 279 -7.30 2.85 10.27
N CYS A 280 -6.27 3.50 10.80
CA CYS A 280 -5.92 3.26 12.21
C CYS A 280 -7.07 3.62 13.09
N TRP A 281 -7.70 4.77 12.82
CA TRP A 281 -8.90 5.16 13.58
C TRP A 281 -10.03 4.14 13.47
N MET A 282 -10.40 3.78 12.25
CA MET A 282 -11.43 2.77 12.03
C MET A 282 -11.11 1.41 12.74
N LEU A 283 -9.84 0.96 12.74
CA LEU A 283 -9.46 -0.28 13.41
C LEU A 283 -9.69 -0.17 14.94
N GLY A 284 -9.25 0.96 15.47
CA GLY A 284 -9.54 1.37 16.86
C GLY A 284 -10.97 1.06 17.23
N ARG A 285 -11.87 1.61 16.46
CA ARG A 285 -13.27 1.33 16.64
C ARG A 285 -13.63 -0.11 16.55
N SER A 286 -13.14 -0.80 15.52
CA SER A 286 -13.41 -2.23 15.42
C SER A 286 -13.02 -3.09 16.58
N LEU A 287 -11.88 -2.77 17.16
CA LEU A 287 -11.39 -3.54 18.32
C LEU A 287 -12.33 -3.58 19.49
N GLU A 288 -13.18 -2.55 19.56
CA GLU A 288 -14.15 -2.49 20.67
C GLU A 288 -15.14 -3.62 20.66
N THR A 289 -15.47 -4.18 19.46
CA THR A 289 -16.44 -5.27 19.33
C THR A 289 -15.80 -6.57 18.89
N LEU A 290 -14.48 -6.66 18.97
CA LEU A 290 -13.75 -7.78 18.35
C LEU A 290 -14.12 -9.05 19.08
N GLY A 291 -14.07 -9.02 20.41
CA GLY A 291 -14.43 -10.21 21.17
C GLY A 291 -15.80 -10.73 20.90
N LEU A 292 -16.77 -9.83 20.89
CA LEU A 292 -18.16 -10.24 20.61
C LEU A 292 -18.36 -10.86 19.21
N ARG A 293 -17.76 -10.22 18.21
CA ARG A 293 -17.96 -10.63 16.81
C ARG A 293 -17.26 -11.95 16.58
N MET A 294 -16.02 -12.09 17.08
CA MET A 294 -15.31 -13.36 16.92
C MET A 294 -16.02 -14.48 17.58
N GLU A 295 -16.58 -14.27 18.77
CA GLU A 295 -17.29 -15.32 19.52
C GLU A 295 -18.53 -15.77 18.82
N ARG A 296 -19.27 -14.79 18.29
CA ARG A 296 -20.44 -15.08 17.59
C ARG A 296 -20.18 -15.80 16.29
N ALA A 297 -19.20 -15.35 15.52
CA ALA A 297 -18.87 -16.05 14.27
C ALA A 297 -18.51 -17.48 14.52
N ASP A 298 -17.79 -17.70 15.61
CA ASP A 298 -17.28 -19.04 16.03
C ASP A 298 -18.41 -19.93 16.40
N SER A 299 -19.37 -19.40 17.17
CA SER A 299 -20.54 -20.21 17.53
C SER A 299 -21.48 -20.42 16.36
N ASN A 300 -21.65 -19.44 15.47
CA ASN A 300 -22.44 -19.66 14.24
C ASN A 300 -21.77 -20.76 13.44
N ALA A 301 -20.44 -20.75 13.37
CA ALA A 301 -19.72 -21.74 12.58
C ALA A 301 -19.89 -23.16 13.12
N ARG A 302 -19.86 -23.30 14.43
CA ARG A 302 -20.02 -24.59 15.08
C ARG A 302 -21.39 -25.12 14.84
N ALA A 303 -22.41 -24.28 14.99
CA ALA A 303 -23.80 -24.65 14.64
C ALA A 303 -23.99 -25.14 13.20
N ILE A 304 -23.39 -24.42 12.24
CA ILE A 304 -23.44 -24.80 10.83
C ILE A 304 -22.69 -26.09 10.62
N ALA A 305 -21.52 -26.21 11.23
CA ALA A 305 -20.72 -27.48 11.03
C ALA A 305 -21.50 -28.67 11.54
N GLU A 306 -22.11 -28.50 12.70
CA GLU A 306 -22.97 -29.54 13.31
C GLU A 306 -24.15 -29.92 12.41
N PHE A 307 -24.83 -28.92 11.86
CA PHE A 307 -25.89 -29.18 10.86
C PHE A 307 -25.34 -29.93 9.64
N LEU A 308 -24.20 -29.49 9.15
CA LEU A 308 -23.71 -30.08 7.88
C LEU A 308 -23.23 -31.53 7.99
N ARG A 309 -22.64 -31.79 9.14
CA ARG A 309 -22.05 -33.09 9.49
C ARG A 309 -23.11 -34.21 9.34
N ASN A 310 -24.37 -33.90 9.66
CA ASN A 310 -25.49 -34.83 9.54
C ASN A 310 -26.31 -34.71 8.24
N HIS A 311 -25.85 -33.95 7.26
CA HIS A 311 -26.68 -33.65 6.16
C HIS A 311 -26.35 -34.75 5.14
N PRO A 312 -27.36 -35.34 4.49
CA PRO A 312 -27.08 -36.43 3.55
C PRO A 312 -26.40 -36.01 2.21
N LYS A 313 -26.19 -34.74 1.96
CA LYS A 313 -25.50 -34.29 0.74
C LYS A 313 -24.08 -33.83 1.02
N VAL A 314 -23.63 -34.07 2.23
CA VAL A 314 -22.31 -33.66 2.71
C VAL A 314 -21.50 -34.95 3.02
N GLU A 315 -20.33 -35.00 2.41
CA GLU A 315 -19.44 -36.17 2.30
C GLU A 315 -18.45 -36.12 3.38
N LYS A 316 -17.97 -34.93 3.72
CA LYS A 316 -16.83 -34.74 4.58
C LYS A 316 -16.80 -33.28 5.02
N LEU A 317 -16.35 -33.05 6.23
CA LEU A 317 -16.16 -31.78 6.82
C LEU A 317 -14.67 -31.60 7.04
N HIS A 318 -14.23 -30.37 6.96
CA HIS A 318 -12.85 -29.98 7.30
C HIS A 318 -12.90 -28.94 8.38
N TYR A 319 -13.07 -29.43 9.61
CA TYR A 319 -13.42 -28.62 10.77
C TYR A 319 -12.77 -29.26 11.98
N LEU A 320 -11.83 -28.54 12.56
CA LEU A 320 -10.88 -29.12 13.55
C LEU A 320 -11.50 -29.72 14.80
N PRO A 321 -12.58 -29.13 15.34
CA PRO A 321 -13.33 -29.75 16.48
C PRO A 321 -13.87 -31.13 16.18
N PHE A 322 -14.01 -31.48 14.91
CA PHE A 322 -14.48 -32.78 14.52
C PHE A 322 -13.39 -33.78 14.21
N ALA A 323 -12.11 -33.44 14.42
CA ALA A 323 -11.06 -34.39 14.30
C ALA A 323 -11.25 -35.37 15.49
N ASP A 324 -11.10 -36.63 15.15
CA ASP A 324 -11.03 -37.77 16.13
C ASP A 324 -10.14 -37.45 17.27
N GLU A 325 -10.67 -37.58 18.51
CA GLU A 325 -10.01 -37.09 19.76
C GLU A 325 -8.66 -37.77 19.95
N ARG A 326 -8.50 -38.88 19.26
CA ARG A 326 -7.28 -39.71 19.31
C ARG A 326 -6.24 -39.42 18.26
N SER A 327 -6.57 -38.59 17.27
CA SER A 327 -5.60 -38.23 16.20
C SER A 327 -4.59 -37.26 16.76
N ASP A 328 -3.43 -37.21 16.11
CA ASP A 328 -2.44 -36.19 16.41
C ASP A 328 -2.97 -34.76 16.18
N ILE A 329 -3.76 -34.58 15.13
CA ILE A 329 -4.37 -33.24 14.84
C ILE A 329 -5.21 -32.78 16.01
N ALA A 330 -6.10 -33.63 16.46
CA ALA A 330 -6.89 -33.28 17.64
C ALA A 330 -6.07 -32.85 18.85
N ALA A 331 -5.05 -33.65 19.15
CA ALA A 331 -4.23 -33.36 20.31
C ALA A 331 -3.53 -32.02 20.16
N LEU A 332 -3.07 -31.73 18.94
CA LEU A 332 -2.35 -30.45 18.71
C LEU A 332 -3.36 -29.28 18.81
N PHE A 333 -4.51 -29.42 18.16
CA PHE A 333 -5.57 -28.39 18.27
C PHE A 333 -5.90 -28.05 19.73
N LYS A 334 -6.04 -29.09 20.55
CA LYS A 334 -6.38 -28.92 22.00
C LYS A 334 -5.31 -28.19 22.73
N ARG A 335 -4.04 -28.44 22.42
CA ARG A 335 -3.03 -27.72 23.15
C ARG A 335 -2.66 -26.36 22.62
N GLN A 336 -2.84 -26.07 21.33
CA GLN A 336 -2.34 -24.79 20.72
C GLN A 336 -3.46 -23.72 20.47
N CYS A 337 -4.70 -24.20 20.41
CA CYS A 337 -5.88 -23.34 20.14
C CYS A 337 -6.95 -23.33 21.22
N THR A 338 -7.69 -22.24 21.38
CA THR A 338 -8.88 -22.22 22.26
C THR A 338 -10.18 -22.12 21.50
N GLY A 339 -10.14 -22.23 20.19
CA GLY A 339 -11.39 -22.20 19.43
C GLY A 339 -11.11 -22.42 17.96
N ALA A 340 -12.18 -22.59 17.17
CA ALA A 340 -12.07 -23.01 15.73
C ALA A 340 -12.18 -21.84 14.77
N GLY A 341 -12.70 -20.72 15.26
CA GLY A 341 -12.80 -19.55 14.43
C GLY A 341 -13.96 -19.77 13.46
N SER A 342 -13.91 -19.09 12.34
CA SER A 342 -15.16 -18.94 11.53
C SER A 342 -15.13 -19.60 10.19
N THR A 343 -13.98 -20.13 9.80
CA THR A 343 -13.74 -20.49 8.44
C THR A 343 -13.45 -21.95 8.37
N PHE A 344 -14.17 -22.63 7.49
CA PHE A 344 -13.92 -24.06 7.25
C PHE A 344 -14.48 -24.47 5.95
N SER A 345 -14.30 -25.74 5.60
CA SER A 345 -14.75 -26.26 4.37
C SER A 345 -15.57 -27.54 4.50
N PHE A 346 -16.36 -27.87 3.49
CA PHE A 346 -16.99 -29.19 3.40
C PHE A 346 -17.06 -29.69 2.01
N ASP A 347 -17.16 -31.01 1.84
CA ASP A 347 -17.31 -31.57 0.49
C ASP A 347 -18.75 -31.98 0.26
N ILE A 348 -19.32 -31.53 -0.85
CA ILE A 348 -20.70 -31.88 -1.23
C ILE A 348 -20.70 -33.16 -2.07
N LYS A 349 -21.79 -33.95 -2.03
CA LYS A 349 -21.94 -35.12 -2.93
C LYS A 349 -22.40 -34.58 -4.27
N GLY A 350 -21.90 -35.21 -5.35
CA GLY A 350 -22.26 -34.86 -6.69
C GLY A 350 -21.28 -33.98 -7.48
N GLY A 351 -20.04 -33.91 -7.00
CA GLY A 351 -18.96 -33.16 -7.68
C GLY A 351 -19.15 -31.66 -7.85
N GLN A 352 -18.41 -31.11 -8.77
CA GLN A 352 -18.41 -29.68 -8.98
C GLN A 352 -19.71 -29.13 -9.45
N ALA A 353 -20.45 -29.88 -10.25
CA ALA A 353 -21.69 -29.34 -10.79
C ALA A 353 -22.75 -29.15 -9.68
N ALA A 354 -22.79 -30.09 -8.75
CA ALA A 354 -23.59 -29.97 -7.53
C ALA A 354 -23.08 -28.79 -6.64
N ALA A 355 -21.76 -28.71 -6.42
CA ALA A 355 -21.17 -27.55 -5.72
C ALA A 355 -21.64 -26.23 -6.26
N PHE A 356 -21.68 -26.11 -7.58
CA PHE A 356 -21.98 -24.89 -8.26
C PHE A 356 -23.45 -24.57 -8.13
N ARG A 357 -24.29 -25.59 -8.22
CA ARG A 357 -25.73 -25.38 -8.02
C ARG A 357 -26.05 -24.94 -6.60
N PHE A 358 -25.44 -25.61 -5.62
CA PHE A 358 -25.50 -25.16 -4.22
C PHE A 358 -25.10 -23.66 -4.07
N LEU A 359 -23.91 -23.30 -4.57
CA LEU A 359 -23.49 -21.89 -4.55
C LEU A 359 -24.48 -20.92 -5.14
N ASN A 360 -24.97 -21.27 -6.31
CA ASN A 360 -25.89 -20.36 -7.03
C ASN A 360 -27.28 -20.19 -6.45
N ALA A 361 -27.70 -21.14 -5.59
CA ALA A 361 -28.97 -21.06 -4.88
C ALA A 361 -28.91 -20.31 -3.57
N LEU A 362 -27.71 -19.98 -3.04
CA LEU A 362 -27.59 -19.27 -1.76
C LEU A 362 -28.20 -17.86 -1.88
N GLN A 363 -28.94 -17.44 -0.86
CA GLN A 363 -29.59 -16.13 -0.90
C GLN A 363 -29.13 -15.23 0.25
N ILE A 364 -28.53 -15.79 1.32
CA ILE A 364 -28.09 -15.02 2.50
C ILE A 364 -26.54 -15.00 2.58
N LEU A 365 -25.91 -16.17 2.50
CA LEU A 365 -24.44 -16.23 2.35
C LEU A 365 -24.14 -15.69 0.94
N LYS A 366 -23.16 -14.81 0.82
CA LYS A 366 -22.79 -14.23 -0.45
C LYS A 366 -21.62 -15.04 -1.07
N LEU A 367 -21.46 -14.98 -2.39
CA LEU A 367 -20.37 -15.66 -3.04
C LEU A 367 -19.17 -14.77 -3.11
N ALA A 368 -18.20 -15.09 -2.25
CA ALA A 368 -17.04 -14.25 -2.07
C ALA A 368 -16.04 -14.94 -1.20
N VAL A 369 -14.86 -14.33 -1.12
CA VAL A 369 -13.74 -14.91 -0.32
C VAL A 369 -13.67 -14.19 1.03
N SER A 370 -13.81 -12.89 1.00
CA SER A 370 -13.80 -12.12 2.26
C SER A 370 -14.44 -10.83 2.09
N LEU A 371 -15.16 -10.40 3.13
CA LEU A 371 -15.71 -9.09 3.20
C LEU A 371 -15.43 -8.48 4.55
N GLY A 372 -14.39 -8.97 5.22
CA GLY A 372 -13.98 -8.33 6.47
C GLY A 372 -14.39 -9.00 7.73
N GLY A 373 -15.22 -10.06 7.58
CA GLY A 373 -15.64 -10.97 8.62
C GLY A 373 -17.03 -10.84 9.22
N THR A 374 -17.73 -9.75 8.93
CA THR A 374 -19.09 -9.56 9.44
C THR A 374 -20.19 -10.38 8.72
N GLU A 375 -20.09 -10.53 7.39
CA GLU A 375 -21.08 -11.27 6.62
C GLU A 375 -20.58 -12.62 6.22
N SER A 376 -21.47 -13.61 6.18
CA SER A 376 -21.13 -14.97 5.83
C SER A 376 -21.03 -15.19 4.31
N LEU A 377 -20.02 -15.94 3.90
CA LEU A 377 -19.66 -16.16 2.51
C LEU A 377 -19.39 -17.58 2.17
N ALA A 378 -19.59 -17.93 0.90
CA ALA A 378 -19.31 -19.25 0.41
C ALA A 378 -18.54 -19.09 -0.90
N SER A 379 -17.63 -20.04 -1.18
CA SER A 379 -16.84 -20.05 -2.39
C SER A 379 -16.38 -21.48 -2.70
N HIS A 380 -15.77 -21.63 -3.86
CA HIS A 380 -15.32 -22.99 -4.37
C HIS A 380 -13.81 -22.88 -4.60
N PRO A 381 -13.01 -23.31 -3.64
CA PRO A 381 -11.58 -23.12 -3.75
C PRO A 381 -10.88 -23.69 -4.98
N ALA A 382 -11.25 -24.87 -5.44
CA ALA A 382 -10.61 -25.47 -6.61
C ALA A 382 -10.81 -24.69 -7.91
N ALA A 383 -11.96 -24.07 -8.12
CA ALA A 383 -12.21 -23.31 -9.34
C ALA A 383 -11.98 -21.84 -9.08
N MET A 384 -11.76 -21.44 -7.82
CA MET A 384 -11.50 -20.03 -7.55
C MET A 384 -10.09 -19.77 -6.93
N THR A 385 -10.01 -19.57 -5.62
CA THR A 385 -8.74 -19.11 -4.96
C THR A 385 -7.54 -20.02 -5.19
N HIS A 386 -7.80 -21.32 -5.27
CA HIS A 386 -6.76 -22.41 -5.33
C HIS A 386 -6.69 -23.07 -6.68
N SER A 387 -7.30 -22.44 -7.64
CA SER A 387 -7.25 -22.94 -9.03
C SER A 387 -5.82 -22.96 -9.62
N GLY A 388 -4.94 -22.07 -9.17
CA GLY A 388 -3.56 -22.07 -9.62
C GLY A 388 -2.62 -22.96 -8.83
N VAL A 389 -3.10 -23.57 -7.76
CA VAL A 389 -2.31 -24.41 -6.93
C VAL A 389 -2.27 -25.82 -7.57
N PRO A 390 -1.10 -26.43 -7.59
CA PRO A 390 -0.99 -27.74 -8.18
C PRO A 390 -1.84 -28.79 -7.44
N VAL A 391 -2.36 -29.73 -8.20
CA VAL A 391 -3.31 -30.78 -7.68
C VAL A 391 -2.76 -31.60 -6.51
N ASP A 392 -1.45 -31.80 -6.44
CA ASP A 392 -0.87 -32.61 -5.38
C ASP A 392 -1.05 -31.90 -4.01
N VAL A 393 -0.84 -30.64 -4.01
CA VAL A 393 -1.05 -29.77 -2.80
C VAL A 393 -2.52 -29.76 -2.48
N ARG A 394 -3.33 -29.53 -3.49
CA ARG A 394 -4.79 -29.45 -3.30
C ARG A 394 -5.34 -30.69 -2.67
N GLU A 395 -4.99 -31.84 -3.24
CA GLU A 395 -5.54 -33.08 -2.71
C GLU A 395 -4.92 -33.42 -1.36
N ARG A 396 -3.68 -33.09 -1.12
CA ARG A 396 -3.13 -33.32 0.21
C ARG A 396 -3.85 -32.56 1.38
N ILE A 397 -4.34 -31.36 1.08
CA ILE A 397 -5.09 -30.52 2.02
C ILE A 397 -6.62 -30.72 1.87
N GLY A 398 -7.09 -31.58 0.97
CA GLY A 398 -8.49 -31.87 0.86
C GLY A 398 -9.32 -30.92 0.06
N VAL A 399 -8.69 -30.12 -0.80
CA VAL A 399 -9.37 -29.30 -1.73
C VAL A 399 -9.64 -30.08 -3.01
N LEU A 400 -10.93 -30.39 -3.22
CA LEU A 400 -11.36 -31.24 -4.29
C LEU A 400 -12.38 -30.48 -5.06
N GLU A 401 -12.76 -31.03 -6.21
CA GLU A 401 -13.80 -30.39 -6.95
C GLU A 401 -15.15 -30.22 -6.24
N SER A 402 -15.40 -31.01 -5.19
CA SER A 402 -16.60 -30.98 -4.41
C SER A 402 -16.48 -30.06 -3.16
N THR A 403 -15.32 -29.42 -2.95
CA THR A 403 -15.08 -28.64 -1.77
C THR A 403 -15.61 -27.22 -1.86
N ILE A 404 -16.32 -26.86 -0.81
CA ILE A 404 -16.94 -25.55 -0.61
C ILE A 404 -16.31 -24.96 0.65
N ARG A 405 -15.87 -23.70 0.52
CA ARG A 405 -15.34 -22.95 1.65
C ARG A 405 -16.47 -22.06 2.18
N LEU A 406 -16.60 -22.08 3.49
CA LEU A 406 -17.48 -21.16 4.19
C LEU A 406 -16.71 -20.28 5.13
N SER A 407 -17.04 -18.98 5.13
CA SER A 407 -16.48 -18.04 6.06
C SER A 407 -17.63 -17.34 6.74
N ILE A 408 -17.86 -17.65 8.01
CA ILE A 408 -19.10 -17.36 8.72
C ILE A 408 -18.98 -16.09 9.49
N GLY A 409 -20.00 -15.25 9.33
CA GLY A 409 -20.12 -13.98 10.01
C GLY A 409 -21.06 -14.05 11.22
N ILE A 410 -21.76 -12.93 11.50
CA ILE A 410 -22.53 -12.74 12.73
C ILE A 410 -24.05 -12.63 12.53
N GLU A 411 -24.57 -13.16 11.42
CA GLU A 411 -26.01 -13.24 11.15
C GLU A 411 -26.64 -14.23 12.19
N HIS A 412 -27.94 -14.21 12.28
CA HIS A 412 -28.61 -15.21 13.10
C HIS A 412 -28.34 -16.63 12.52
N PRO A 413 -27.92 -17.62 13.35
CA PRO A 413 -27.62 -18.98 12.82
C PRO A 413 -28.77 -19.67 12.09
N ASP A 414 -30.00 -19.44 12.51
CA ASP A 414 -31.13 -19.99 11.83
C ASP A 414 -31.26 -19.47 10.40
N ASP A 415 -30.95 -18.20 10.14
CA ASP A 415 -31.04 -17.73 8.79
C ASP A 415 -30.02 -18.40 7.90
N LEU A 416 -28.81 -18.54 8.41
CA LEU A 416 -27.72 -19.18 7.70
C LEU A 416 -27.99 -20.58 7.45
N ILE A 417 -28.48 -21.32 8.46
CA ILE A 417 -28.83 -22.74 8.25
C ILE A 417 -30.01 -22.98 7.27
N ALA A 418 -31.03 -22.17 7.32
CA ALA A 418 -32.15 -22.21 6.40
C ALA A 418 -31.70 -21.96 4.99
N ASP A 419 -30.79 -20.98 4.80
CA ASP A 419 -30.19 -20.74 3.50
C ASP A 419 -29.42 -21.93 3.00
N LEU A 420 -28.58 -22.52 3.88
CA LEU A 420 -27.77 -23.67 3.52
C LEU A 420 -28.62 -24.84 3.18
N ALA A 421 -29.69 -25.03 3.93
CA ALA A 421 -30.54 -26.18 3.72
C ALA A 421 -31.28 -26.08 2.37
N GLN A 422 -31.87 -24.94 2.09
CA GLN A 422 -32.52 -24.80 0.77
C GLN A 422 -31.54 -24.87 -0.43
N ALA A 423 -30.30 -24.38 -0.27
CA ALA A 423 -29.30 -24.41 -1.35
C ALA A 423 -28.81 -25.87 -1.55
N LEU A 424 -28.59 -26.63 -0.48
CA LEU A 424 -28.26 -28.01 -0.56
C LEU A 424 -29.39 -28.83 -1.28
N ASP A 425 -30.66 -28.44 -1.12
CA ASP A 425 -31.74 -29.09 -1.91
C ASP A 425 -31.63 -28.84 -3.38
N ALA A 426 -31.12 -27.67 -3.81
CA ALA A 426 -30.82 -27.44 -5.23
C ALA A 426 -29.64 -28.26 -5.80
N ALA A 427 -28.73 -28.66 -4.93
CA ALA A 427 -27.47 -29.30 -5.34
C ALA A 427 -27.67 -30.70 -5.95
N SER B 7 -16.35 5.28 -20.73
CA SER B 7 -16.14 6.69 -20.25
C SER B 7 -15.47 7.59 -21.31
N LYS B 8 -16.04 8.76 -21.54
CA LYS B 8 -15.68 9.59 -22.66
C LYS B 8 -14.37 10.44 -22.44
N ILE B 9 -13.50 10.48 -23.43
CA ILE B 9 -12.44 11.47 -23.48
C ILE B 9 -12.86 12.58 -24.49
N ARG B 10 -13.89 12.36 -25.30
CA ARG B 10 -14.35 13.37 -26.27
C ARG B 10 -15.84 13.63 -26.09
N LEU B 11 -16.28 14.81 -26.48
CA LEU B 11 -17.71 15.13 -26.60
C LEU B 11 -17.88 15.54 -28.08
N GLY B 12 -18.49 14.66 -28.88
CA GLY B 12 -18.42 14.75 -30.34
C GLY B 12 -16.95 14.77 -30.73
N ASN B 13 -16.54 15.81 -31.42
CA ASN B 13 -15.13 16.02 -31.70
C ASN B 13 -14.37 16.80 -30.70
N HIS B 14 -15.06 17.36 -29.72
CA HIS B 14 -14.34 18.19 -28.76
C HIS B 14 -13.63 17.35 -27.67
N LEU B 15 -12.36 17.61 -27.39
CA LEU B 15 -11.60 16.92 -26.37
C LEU B 15 -11.73 17.57 -24.94
N LEU B 16 -12.01 16.75 -23.91
CA LEU B 16 -12.32 17.25 -22.56
C LEU B 16 -11.02 17.56 -21.85
N HIS B 17 -11.02 18.62 -21.06
CA HIS B 17 -9.88 19.03 -20.21
C HIS B 17 -9.87 18.32 -18.89
N PRO B 18 -8.67 18.22 -18.29
CA PRO B 18 -8.55 17.53 -17.01
C PRO B 18 -9.43 17.97 -15.85
N GLU B 19 -9.58 19.30 -15.64
CA GLU B 19 -10.45 19.79 -14.55
C GLU B 19 -11.90 19.25 -14.68
N THR B 20 -12.37 19.11 -15.93
CA THR B 20 -13.69 18.58 -16.20
C THR B 20 -13.67 17.10 -15.88
N GLN B 21 -12.64 16.42 -16.36
CA GLN B 21 -12.55 15.01 -16.16
C GLN B 21 -12.45 14.56 -14.69
N MET B 22 -11.97 15.37 -13.76
CA MET B 22 -11.92 14.95 -12.36
C MET B 22 -13.31 14.84 -11.79
N LEU B 23 -14.27 15.54 -12.42
CA LEU B 23 -15.71 15.38 -12.12
C LEU B 23 -16.50 14.42 -12.92
N ASN B 24 -16.07 14.13 -14.12
CA ASN B 24 -16.87 13.38 -15.06
C ASN B 24 -16.40 12.00 -15.42
N TYR B 25 -15.08 11.81 -15.46
CA TYR B 25 -14.50 10.56 -15.86
C TYR B 25 -14.87 9.50 -14.83
N GLY B 26 -15.67 8.50 -15.29
CA GLY B 26 -16.22 7.44 -14.42
C GLY B 26 -17.46 7.85 -13.62
N TYR B 27 -18.11 8.93 -14.04
CA TYR B 27 -19.28 9.50 -13.30
C TYR B 27 -20.43 8.54 -13.16
N ASP B 28 -20.75 7.85 -14.26
CA ASP B 28 -21.87 6.87 -14.24
C ASP B 28 -21.70 5.80 -13.19
N SER B 29 -20.46 5.34 -13.01
CA SER B 29 -20.10 4.33 -11.98
C SER B 29 -20.19 4.87 -10.54
N GLU B 30 -20.20 6.18 -10.36
CA GLU B 30 -20.47 6.74 -9.01
C GLU B 30 -21.97 6.96 -8.61
N LEU B 31 -22.94 6.59 -9.45
CA LEU B 31 -24.35 6.76 -9.08
C LEU B 31 -24.94 5.54 -8.39
N SER B 32 -25.79 5.74 -7.39
CA SER B 32 -26.58 4.63 -6.76
C SER B 32 -28.05 4.95 -6.94
N GLU B 33 -28.87 3.92 -6.75
CA GLU B 33 -30.32 4.00 -7.03
C GLU B 33 -31.01 3.73 -5.71
N GLY B 34 -32.07 4.48 -5.43
CA GLY B 34 -32.99 4.15 -4.32
C GLY B 34 -34.46 4.28 -4.72
N ALA B 35 -35.33 3.74 -3.90
CA ALA B 35 -36.78 3.80 -4.13
C ALA B 35 -37.28 5.19 -3.84
N VAL B 36 -38.30 5.61 -4.60
CA VAL B 36 -39.02 6.86 -4.32
C VAL B 36 -40.20 6.54 -3.35
N LYS B 37 -40.14 7.05 -2.11
CA LYS B 37 -41.13 6.75 -1.07
C LYS B 37 -41.72 8.06 -0.51
N PRO B 38 -43.06 8.12 -0.35
CA PRO B 38 -43.60 9.39 0.17
C PRO B 38 -43.33 9.59 1.71
N PRO B 39 -43.39 10.84 2.23
CA PRO B 39 -43.63 12.05 1.42
C PRO B 39 -42.34 12.42 0.66
N VAL B 40 -42.49 12.73 -0.62
CA VAL B 40 -41.29 12.93 -1.47
C VAL B 40 -40.68 14.34 -1.36
N PHE B 41 -39.37 14.38 -1.07
CA PHE B 41 -38.58 15.62 -1.01
C PHE B 41 -37.36 15.48 -1.93
N LEU B 42 -36.90 16.60 -2.50
CA LEU B 42 -35.63 16.60 -3.23
C LEU B 42 -34.47 16.59 -2.19
N THR B 43 -33.55 15.64 -2.26
CA THR B 43 -32.43 15.59 -1.31
C THR B 43 -31.20 16.19 -2.01
N SER B 44 -30.11 16.38 -1.25
CA SER B 44 -28.86 16.97 -1.75
C SER B 44 -28.17 16.17 -2.85
N THR B 45 -28.56 14.91 -3.05
CA THR B 45 -27.84 14.03 -3.96
C THR B 45 -28.51 13.65 -5.30
N PHE B 46 -29.77 14.01 -5.51
CA PHE B 46 -30.55 13.52 -6.66
C PHE B 46 -30.12 14.07 -8.03
N VAL B 47 -29.99 13.16 -9.00
CA VAL B 47 -29.75 13.46 -10.42
C VAL B 47 -30.78 12.68 -11.28
N PHE B 48 -31.08 13.20 -12.45
CA PHE B 48 -32.15 12.69 -13.32
C PHE B 48 -31.55 12.36 -14.66
N LYS B 49 -31.90 11.19 -15.18
CA LYS B 49 -31.43 10.78 -16.54
C LYS B 49 -32.01 11.68 -17.65
N THR B 50 -33.25 12.13 -17.49
CA THR B 50 -33.94 13.00 -18.47
C THR B 50 -34.75 14.04 -17.83
N ALA B 51 -35.10 15.06 -18.62
CA ALA B 51 -35.96 16.14 -18.11
C ALA B 51 -37.35 15.64 -17.68
N GLU B 52 -37.86 14.63 -18.38
CA GLU B 52 -39.17 14.03 -18.09
C GLU B 52 -39.14 13.26 -16.76
N ASP B 53 -38.04 12.56 -16.50
CA ASP B 53 -37.81 12.00 -15.20
C ASP B 53 -37.84 13.07 -14.08
N GLY B 54 -37.18 14.20 -14.27
CA GLY B 54 -37.21 15.30 -13.30
C GLY B 54 -38.64 15.77 -13.13
N ARG B 55 -39.35 15.95 -14.23
CA ARG B 55 -40.75 16.42 -14.14
C ARG B 55 -41.62 15.41 -13.32
N ASP B 56 -41.44 14.12 -13.60
CA ASP B 56 -42.20 13.08 -12.88
C ASP B 56 -41.89 13.07 -11.42
N PHE B 57 -40.58 13.11 -11.04
CA PHE B 57 -40.22 13.23 -9.64
C PHE B 57 -40.90 14.40 -8.92
N PHE B 58 -40.95 15.56 -9.54
CA PHE B 58 -41.52 16.73 -8.86
C PHE B 58 -43.02 16.70 -8.84
N ASP B 59 -43.63 15.97 -9.77
CA ASP B 59 -45.08 15.68 -9.66
C ASP B 59 -45.34 14.99 -8.29
N PHE B 60 -44.38 14.21 -7.76
CA PHE B 60 -44.50 13.68 -6.35
C PHE B 60 -44.22 14.74 -5.30
N VAL B 61 -43.16 15.49 -5.54
CA VAL B 61 -42.76 16.53 -4.62
C VAL B 61 -43.85 17.58 -4.44
N SER B 62 -44.48 17.98 -5.54
CA SER B 62 -45.57 18.93 -5.55
C SER B 62 -46.81 18.35 -4.87
N GLY B 63 -46.86 17.03 -4.73
CA GLY B 63 -48.03 16.36 -4.21
C GLY B 63 -49.13 16.22 -5.26
N ARG B 64 -48.86 16.54 -6.52
CA ARG B 64 -49.85 16.29 -7.57
C ARG B 64 -50.05 14.79 -7.78
N LYS B 65 -49.00 14.00 -7.73
CA LYS B 65 -49.10 12.55 -7.88
C LYS B 65 -48.52 11.84 -6.66
N GLU B 66 -49.10 10.67 -6.34
CA GLU B 66 -48.57 9.73 -5.32
C GLU B 66 -47.73 8.65 -6.07
N PRO B 67 -46.53 8.25 -5.52
CA PRO B 67 -45.57 7.45 -6.35
C PRO B 67 -46.03 6.07 -6.91
N LEU B 75 -38.02 4.69 -8.40
CA LEU B 75 -36.58 4.80 -8.69
C LEU B 75 -36.01 6.26 -8.72
N VAL B 76 -34.94 6.55 -7.95
CA VAL B 76 -34.19 7.82 -8.13
C VAL B 76 -32.66 7.64 -7.96
N TYR B 77 -31.87 8.32 -8.82
CA TYR B 77 -30.39 8.29 -8.75
C TYR B 77 -29.80 9.34 -7.78
N SER B 78 -28.80 8.87 -7.05
CA SER B 78 -27.97 9.62 -6.18
C SER B 78 -26.53 9.60 -6.66
N ARG B 79 -25.97 10.78 -6.69
CA ARG B 79 -24.62 10.96 -7.07
C ARG B 79 -23.85 11.14 -5.74
N PHE B 80 -23.07 10.14 -5.37
CA PHE B 80 -22.08 10.21 -4.31
C PHE B 80 -20.69 10.17 -4.98
N ASN B 81 -19.65 10.21 -4.14
CA ASN B 81 -18.26 10.38 -4.55
C ASN B 81 -17.39 9.25 -3.99
N HIS B 82 -17.71 8.01 -4.43
CA HIS B 82 -16.92 6.80 -4.07
C HIS B 82 -16.30 6.09 -5.29
N PRO B 83 -15.36 6.73 -5.97
CA PRO B 83 -14.72 6.15 -7.13
C PRO B 83 -13.83 4.93 -6.76
N ASN B 84 -13.79 3.90 -7.61
CA ASN B 84 -12.81 2.84 -7.44
C ASN B 84 -11.43 3.38 -7.60
N SER B 85 -10.45 2.60 -7.09
CA SER B 85 -9.05 3.00 -7.30
C SER B 85 -8.73 3.11 -8.76
N GLU B 86 -9.26 2.16 -9.56
CA GLU B 86 -9.05 2.18 -11.04
C GLU B 86 -9.49 3.49 -11.72
N ILE B 87 -10.59 4.04 -11.25
CA ILE B 87 -11.13 5.30 -11.81
C ILE B 87 -10.28 6.51 -11.37
N VAL B 88 -9.88 6.54 -10.09
CA VAL B 88 -8.98 7.61 -9.63
C VAL B 88 -7.62 7.50 -10.36
N GLU B 89 -7.12 6.26 -10.58
CA GLU B 89 -5.94 6.05 -11.42
C GLU B 89 -6.11 6.62 -12.81
N ASP B 90 -7.28 6.36 -13.44
CA ASP B 90 -7.52 6.86 -14.80
C ASP B 90 -7.58 8.37 -14.79
N ARG B 91 -8.10 8.93 -13.72
CA ARG B 91 -8.13 10.41 -13.65
C ARG B 91 -6.73 11.01 -13.48
N LEU B 92 -5.92 10.38 -12.61
CA LEU B 92 -4.52 10.81 -12.57
C LEU B 92 -3.84 10.74 -13.89
N ALA B 93 -4.03 9.62 -14.58
CA ALA B 93 -3.41 9.46 -15.86
C ALA B 93 -3.89 10.51 -16.86
N VAL B 94 -5.18 10.82 -16.82
CA VAL B 94 -5.67 11.96 -17.56
C VAL B 94 -4.93 13.22 -17.26
N TYR B 95 -4.78 13.61 -16.00
CA TYR B 95 -4.01 14.80 -15.73
C TYR B 95 -2.54 14.81 -16.21
N GLU B 96 -1.89 13.65 -16.13
CA GLU B 96 -0.52 13.50 -16.50
C GLU B 96 -0.37 13.53 -18.07
N GLY B 97 -1.39 13.09 -18.80
CA GLY B 97 -1.24 12.72 -20.20
C GLY B 97 -0.51 11.37 -20.39
N ALA B 98 -0.69 10.48 -19.43
CA ALA B 98 -0.15 9.13 -19.45
C ALA B 98 -1.18 8.12 -19.82
N GLU B 99 -0.72 6.97 -20.26
CA GLU B 99 -1.60 5.88 -20.57
C GLU B 99 -2.20 5.26 -19.35
N SER B 100 -1.45 5.18 -18.26
CA SER B 100 -1.85 4.27 -17.14
C SER B 100 -1.26 4.80 -15.84
N ALA B 101 -1.83 4.35 -14.73
CA ALA B 101 -1.42 4.80 -13.43
C ALA B 101 -1.72 3.71 -12.45
N ALA B 102 -0.86 3.65 -11.44
CA ALA B 102 -1.07 2.85 -10.28
C ALA B 102 -0.94 3.73 -9.05
N LEU B 103 -1.85 3.51 -8.11
CA LEU B 103 -1.84 4.18 -6.79
C LEU B 103 -1.24 3.30 -5.69
N PHE B 104 -0.62 3.95 -4.70
CA PHE B 104 0.12 3.32 -3.64
C PHE B 104 -0.20 3.95 -2.33
N SER B 105 0.00 3.19 -1.29
CA SER B 105 -0.26 3.71 0.04
C SER B 105 0.59 4.96 0.43
N SER B 106 1.74 5.14 -0.19
CA SER B 106 2.54 6.34 0.11
C SER B 106 3.50 6.58 -1.01
N GLY B 107 4.06 7.78 -1.01
CA GLY B 107 5.13 8.10 -1.95
C GLY B 107 6.30 7.09 -1.84
N MET B 108 6.67 6.77 -0.63
CA MET B 108 7.79 5.83 -0.45
C MET B 108 7.43 4.41 -0.89
N SER B 109 6.18 3.98 -0.68
CA SER B 109 5.81 2.66 -1.19
C SER B 109 5.75 2.60 -2.71
N ALA B 110 5.38 3.70 -3.38
CA ALA B 110 5.43 3.78 -4.84
C ALA B 110 6.87 3.64 -5.37
N ILE B 111 7.78 4.40 -4.77
CA ILE B 111 9.22 4.34 -5.13
C ILE B 111 9.77 2.94 -4.85
N ALA B 112 9.51 2.39 -3.66
CA ALA B 112 10.07 1.06 -3.29
C ALA B 112 9.55 0.01 -4.19
N THR B 113 8.22 0.06 -4.51
CA THR B 113 7.65 -1.00 -5.33
C THR B 113 8.22 -0.94 -6.73
N THR B 114 8.37 0.27 -7.19
CA THR B 114 8.99 0.51 -8.51
C THR B 114 10.41 -0.08 -8.57
N LEU B 115 11.22 0.22 -7.58
CA LEU B 115 12.58 -0.35 -7.52
C LEU B 115 12.53 -1.87 -7.39
N PHE B 116 11.68 -2.40 -6.53
CA PHE B 116 11.56 -3.84 -6.44
C PHE B 116 11.12 -4.57 -7.69
N ALA B 117 10.35 -3.89 -8.50
CA ALA B 117 9.90 -4.50 -9.77
C ALA B 117 11.00 -4.61 -10.83
N PHE B 118 12.05 -3.81 -10.80
CA PHE B 118 13.02 -3.75 -11.86
C PHE B 118 14.46 -4.10 -11.49
N VAL B 119 14.78 -4.15 -10.21
CA VAL B 119 16.19 -4.38 -9.83
C VAL B 119 16.38 -5.75 -9.24
N ARG B 120 17.64 -6.24 -9.25
CA ARG B 120 18.02 -7.59 -8.73
C ARG B 120 19.43 -7.49 -8.16
N PRO B 121 19.79 -8.38 -7.23
CA PRO B 121 21.16 -8.26 -6.70
C PRO B 121 22.20 -8.27 -7.83
N GLY B 122 23.23 -7.44 -7.73
CA GLY B 122 24.19 -7.23 -8.85
C GLY B 122 23.94 -5.94 -9.63
N ASP B 123 22.72 -5.43 -9.58
CA ASP B 123 22.40 -4.27 -10.37
C ASP B 123 22.93 -3.00 -9.76
N VAL B 124 22.96 -1.99 -10.61
CA VAL B 124 23.24 -0.62 -10.21
C VAL B 124 22.03 0.21 -10.58
N ILE B 125 21.65 1.03 -9.61
CA ILE B 125 20.75 2.11 -9.79
C ILE B 125 21.53 3.37 -10.09
N LEU B 126 21.43 3.85 -11.32
CA LEU B 126 22.06 5.14 -11.59
C LEU B 126 21.08 6.23 -11.11
N HIS B 127 21.51 7.21 -10.31
CA HIS B 127 20.58 8.28 -9.94
C HIS B 127 21.13 9.72 -9.87
N SER B 128 20.22 10.68 -9.83
CA SER B 128 20.53 12.08 -9.66
C SER B 128 20.74 12.42 -8.20
N GLN B 129 21.11 13.66 -7.96
CA GLN B 129 21.40 14.11 -6.62
C GLN B 129 21.16 15.63 -6.49
N PRO B 130 20.68 16.08 -5.35
CA PRO B 130 20.18 15.26 -4.26
C PRO B 130 18.77 14.64 -4.50
N LEU B 131 18.42 13.69 -3.65
CA LEU B 131 17.13 13.00 -3.68
C LEU B 131 16.47 13.22 -2.37
N TYR B 132 15.16 13.06 -2.35
CA TYR B 132 14.46 13.02 -1.09
C TYR B 132 15.15 12.08 -0.12
N GLY B 133 15.17 12.49 1.14
CA GLY B 133 15.92 11.74 2.16
C GLY B 133 15.49 10.28 2.33
N GLY B 134 14.18 10.02 2.28
CA GLY B 134 13.70 8.66 2.30
C GLY B 134 14.22 7.87 1.11
N THR B 135 14.33 8.49 -0.06
CA THR B 135 14.80 7.78 -1.23
C THR B 135 16.28 7.46 -1.01
N GLU B 136 17.05 8.40 -0.42
CA GLU B 136 18.52 8.16 -0.22
C GLU B 136 18.67 6.99 0.77
N THR B 137 17.99 7.02 1.90
CA THR B 137 18.12 5.97 2.86
C THR B 137 17.65 4.61 2.28
N LEU B 138 16.63 4.62 1.44
CA LEU B 138 16.17 3.45 0.71
C LEU B 138 17.24 2.83 -0.17
N LEU B 139 17.98 3.66 -0.89
CA LEU B 139 19.08 3.19 -1.75
C LEU B 139 20.33 2.80 -0.91
N ALA B 140 20.63 3.59 0.12
CA ALA B 140 21.87 3.40 0.92
C ALA B 140 21.84 2.19 1.88
N LYS B 141 20.67 1.87 2.44
CA LYS B 141 20.52 0.81 3.39
C LYS B 141 19.77 -0.37 2.80
N THR B 142 18.47 -0.20 2.67
CA THR B 142 17.65 -1.35 2.30
C THR B 142 18.08 -1.94 0.95
N PHE B 143 18.32 -1.17 -0.11
CA PHE B 143 18.68 -1.82 -1.39
C PHE B 143 20.18 -2.26 -1.40
N PHE B 144 21.02 -1.48 -0.77
CA PHE B 144 22.40 -1.91 -0.62
C PHE B 144 22.43 -3.33 0.00
N ASN B 145 21.65 -3.55 1.05
CA ASN B 145 21.58 -4.87 1.67
C ASN B 145 21.04 -5.98 0.81
N PHE B 146 20.42 -5.70 -0.33
CA PHE B 146 20.02 -6.77 -1.25
C PHE B 146 20.95 -6.89 -2.41
N GLY B 147 22.19 -6.45 -2.22
CA GLY B 147 23.18 -6.52 -3.27
C GLY B 147 23.00 -5.53 -4.39
N VAL B 148 22.25 -4.42 -4.16
CA VAL B 148 22.08 -3.45 -5.25
C VAL B 148 22.90 -2.23 -4.94
N GLU B 149 23.70 -1.82 -5.93
CA GLU B 149 24.60 -0.68 -5.85
C GLU B 149 23.95 0.56 -6.43
N ALA B 150 24.49 1.72 -6.08
CA ALA B 150 23.99 2.99 -6.55
C ALA B 150 25.15 3.91 -6.95
N VAL B 151 25.07 4.54 -8.12
CA VAL B 151 26.03 5.58 -8.54
C VAL B 151 25.28 6.88 -8.81
N ALA B 152 25.79 7.99 -8.27
CA ALA B 152 25.18 9.30 -8.42
C ALA B 152 25.84 10.13 -9.54
N PHE B 153 25.04 10.92 -10.25
CA PHE B 153 25.52 12.11 -10.94
C PHE B 153 25.05 13.35 -10.21
N ALA B 154 26.00 14.23 -9.87
CA ALA B 154 25.69 15.48 -9.19
C ALA B 154 25.14 16.51 -10.16
N ASP B 155 25.59 16.47 -11.41
CA ASP B 155 25.18 17.47 -12.38
C ASP B 155 24.28 16.83 -13.43
N GLY B 156 22.98 17.07 -13.28
CA GLY B 156 22.01 16.47 -14.20
C GLY B 156 21.61 17.33 -15.38
N VAL B 157 22.17 18.53 -15.46
CA VAL B 157 21.94 19.46 -16.61
C VAL B 157 22.69 19.02 -17.85
N HIS B 158 23.92 18.54 -17.66
CA HIS B 158 24.82 18.20 -18.77
C HIS B 158 24.89 16.74 -19.12
N GLU B 159 24.63 16.40 -20.39
CA GLU B 159 24.67 15.01 -20.88
C GLU B 159 26.02 14.37 -20.56
N ALA B 160 27.09 15.15 -20.70
CA ALA B 160 28.44 14.69 -20.34
C ALA B 160 28.62 14.22 -18.88
N THR B 161 28.12 14.95 -17.89
CA THR B 161 28.28 14.53 -16.48
C THR B 161 27.43 13.32 -16.19
N ILE B 162 26.26 13.26 -16.82
CA ILE B 162 25.37 12.08 -16.70
C ILE B 162 26.08 10.86 -17.33
N GLU B 163 26.73 11.09 -18.49
CA GLU B 163 27.43 10.01 -19.24
C GLU B 163 28.57 9.41 -18.45
N LYS B 164 29.32 10.28 -17.81
CA LYS B 164 30.41 9.88 -16.95
C LYS B 164 29.94 8.97 -15.85
N ALA B 165 28.91 9.40 -15.10
CA ALA B 165 28.41 8.59 -13.92
C ALA B 165 27.93 7.27 -14.39
N ALA B 166 27.34 7.27 -15.57
CA ALA B 166 26.85 6.12 -16.22
C ALA B 166 27.91 5.11 -16.56
N GLU B 167 29.08 5.58 -17.01
CA GLU B 167 30.25 4.68 -17.15
C GLU B 167 30.69 4.15 -15.81
N GLU B 168 30.76 5.02 -14.81
CA GLU B 168 31.12 4.57 -13.46
C GLU B 168 30.17 3.44 -12.96
N ALA B 169 28.89 3.58 -13.32
CA ALA B 169 27.86 2.59 -12.98
C ALA B 169 28.02 1.35 -13.79
N LEU B 170 28.21 1.50 -15.08
CA LEU B 170 28.33 0.31 -15.94
C LEU B 170 29.50 -0.64 -15.52
N ALA B 171 30.54 -0.05 -14.93
CA ALA B 171 31.69 -0.76 -14.40
C ALA B 171 31.43 -1.46 -13.07
N LYS B 172 30.46 -1.00 -12.25
CA LYS B 172 30.06 -1.73 -11.02
C LYS B 172 29.03 -2.90 -11.28
N GLY B 173 28.36 -2.93 -12.44
CA GLY B 173 27.29 -3.87 -12.78
C GLY B 173 26.26 -3.38 -13.81
N ARG B 174 25.20 -4.17 -13.99
CA ARG B 174 24.06 -3.88 -14.88
C ARG B 174 23.21 -2.73 -14.33
N VAL B 175 23.02 -1.69 -15.16
CA VAL B 175 22.17 -0.55 -14.84
C VAL B 175 20.73 -0.87 -15.23
N SER B 176 19.94 -1.21 -14.23
CA SER B 176 18.55 -1.55 -14.58
C SER B 176 17.60 -0.36 -14.39
N VAL B 177 17.94 0.59 -13.56
CA VAL B 177 17.07 1.78 -13.33
C VAL B 177 17.94 3.04 -13.33
N ILE B 178 17.41 4.09 -13.95
CA ILE B 178 17.88 5.38 -13.72
C ILE B 178 16.82 6.13 -12.94
N LEU B 179 17.18 6.57 -11.78
CA LEU B 179 16.25 7.24 -10.88
C LEU B 179 16.59 8.69 -10.74
N ILE B 180 15.65 9.54 -11.15
CA ILE B 180 15.89 10.97 -11.08
C ILE B 180 14.79 11.67 -10.34
N GLU B 181 15.15 12.79 -9.72
CA GLU B 181 14.21 13.66 -9.04
C GLU B 181 14.45 15.07 -9.53
N THR B 182 13.45 15.68 -10.16
CA THR B 182 13.63 17.02 -10.69
C THR B 182 12.32 17.82 -10.71
N PRO B 183 12.33 19.03 -10.17
CA PRO B 183 13.43 19.63 -9.41
C PRO B 183 13.57 18.91 -8.09
N ALA B 184 14.72 19.08 -7.45
CA ALA B 184 14.99 18.42 -6.19
C ALA B 184 14.93 19.42 -5.11
N ASN B 185 14.70 18.92 -3.91
CA ASN B 185 14.67 19.75 -2.71
C ASN B 185 16.04 19.82 -2.02
N PRO B 186 16.43 20.96 -1.47
CA PRO B 186 15.87 22.27 -1.77
C PRO B 186 16.61 22.84 -2.97
N THR B 187 16.34 24.11 -3.26
CA THR B 187 17.04 24.92 -4.29
C THR B 187 16.82 24.57 -5.76
N ASN B 188 15.97 23.57 -6.02
CA ASN B 188 15.43 23.37 -7.35
C ASN B 188 16.49 23.17 -8.43
N SER B 189 17.56 22.45 -8.14
CA SER B 189 18.41 21.95 -9.25
C SER B 189 17.63 20.94 -10.01
N ILE B 190 17.91 20.86 -11.29
CA ILE B 190 17.06 20.13 -12.19
C ILE B 190 17.85 19.16 -13.00
N VAL B 191 17.19 18.14 -13.54
CA VAL B 191 17.78 17.28 -14.49
C VAL B 191 17.14 17.23 -15.86
N ASP B 192 17.99 17.09 -16.90
CA ASP B 192 17.55 17.12 -18.29
C ASP B 192 17.08 15.73 -18.61
N VAL B 193 15.75 15.56 -18.58
CA VAL B 193 15.18 14.22 -18.73
C VAL B 193 15.53 13.67 -20.12
N ALA B 194 15.41 14.49 -21.16
CA ALA B 194 15.73 14.00 -22.50
C ALA B 194 17.21 13.52 -22.66
N ALA B 195 18.13 14.18 -21.96
CA ALA B 195 19.57 13.85 -21.90
C ALA B 195 19.73 12.54 -21.19
N VAL B 196 18.98 12.36 -20.08
CA VAL B 196 18.95 11.07 -19.37
C VAL B 196 18.47 9.95 -20.30
N ARG B 197 17.41 10.17 -21.07
CA ARG B 197 16.94 9.20 -22.06
C ARG B 197 18.00 8.88 -23.15
N ARG B 198 18.71 9.88 -23.70
CA ARG B 198 19.81 9.62 -24.66
C ARG B 198 20.89 8.74 -24.02
N VAL B 199 21.24 9.06 -22.79
CA VAL B 199 22.23 8.27 -22.08
C VAL B 199 21.71 6.86 -21.80
N ALA B 200 20.40 6.69 -21.61
CA ALA B 200 19.86 5.33 -21.49
C ALA B 200 19.93 4.54 -22.79
N GLU B 201 19.81 5.21 -23.92
CA GLU B 201 19.94 4.53 -25.22
C GLU B 201 21.38 4.02 -25.49
N LYS B 202 22.36 4.77 -25.01
CA LYS B 202 23.76 4.37 -25.03
C LYS B 202 24.06 3.28 -24.05
N ILE B 203 23.56 3.41 -22.82
CA ILE B 203 23.72 2.33 -21.85
C ILE B 203 23.26 1.04 -22.46
N GLU B 204 22.17 1.11 -23.20
CA GLU B 204 21.59 -0.06 -23.78
C GLU B 204 22.43 -0.64 -24.87
N ALA B 205 23.17 0.22 -25.56
CA ALA B 205 24.06 -0.23 -26.62
C ALA B 205 25.20 -1.01 -25.97
N ARG B 206 25.83 -0.47 -24.93
CA ARG B 206 26.90 -1.20 -24.21
C ARG B 206 26.43 -2.51 -23.51
N GLN B 207 25.16 -2.62 -23.12
CA GLN B 207 24.72 -3.77 -22.31
C GLN B 207 23.56 -4.60 -22.83
N GLY B 208 22.81 -4.18 -23.84
CA GLY B 208 21.72 -5.01 -24.37
C GLY B 208 20.37 -4.82 -23.72
N SER B 209 20.26 -3.91 -22.73
CA SER B 209 18.97 -3.55 -22.16
C SER B 209 19.01 -2.08 -21.81
N ARG B 210 17.86 -1.44 -22.06
CA ARG B 210 17.62 -0.04 -21.68
C ARG B 210 17.14 0.02 -20.24
N PRO B 211 17.85 0.73 -19.35
CA PRO B 211 17.26 0.90 -18.00
C PRO B 211 15.92 1.69 -18.02
N VAL B 212 15.09 1.41 -17.01
CA VAL B 212 13.84 2.11 -16.77
C VAL B 212 14.20 3.43 -16.17
N ILE B 213 13.65 4.50 -16.72
CA ILE B 213 13.87 5.81 -16.23
C ILE B 213 12.64 6.20 -15.38
N ALA B 214 12.85 6.33 -14.07
CA ALA B 214 11.84 6.70 -13.13
C ALA B 214 12.16 8.12 -12.61
N CYS B 215 11.22 9.05 -12.87
CA CYS B 215 11.28 10.46 -12.46
C CYS B 215 10.29 10.82 -11.36
N ASP B 216 10.82 11.06 -10.17
CA ASP B 216 10.06 11.62 -9.05
C ASP B 216 9.66 13.04 -9.37
N ASN B 217 8.40 13.17 -9.72
CA ASN B 217 7.79 14.40 -10.26
C ASN B 217 6.98 15.13 -9.20
N THR B 218 7.17 14.81 -7.92
CA THR B 218 6.43 15.40 -6.85
C THR B 218 6.37 16.94 -6.86
N LEU B 219 7.50 17.58 -7.12
CA LEU B 219 7.55 19.05 -7.04
C LEU B 219 6.74 19.86 -8.02
N LEU B 220 6.71 19.45 -9.28
CA LEU B 220 6.03 20.21 -10.28
C LEU B 220 4.84 19.49 -10.90
N GLY B 221 4.71 18.19 -10.67
CA GLY B 221 3.70 17.43 -11.37
C GLY B 221 2.36 17.46 -10.69
N PRO B 222 1.28 17.23 -11.45
CA PRO B 222 1.31 16.86 -12.83
C PRO B 222 1.13 18.08 -13.75
N VAL B 223 0.86 19.27 -13.18
CA VAL B 223 0.49 20.42 -14.02
C VAL B 223 1.72 21.03 -14.72
N PHE B 224 2.85 21.16 -14.04
CA PHE B 224 3.91 21.95 -14.62
C PHE B 224 5.07 21.17 -15.19
N GLN B 225 5.08 19.85 -15.00
CA GLN B 225 6.06 19.01 -15.69
C GLN B 225 5.53 17.66 -15.98
N LYS B 226 5.80 17.18 -17.18
CA LYS B 226 5.37 15.86 -17.58
C LYS B 226 6.58 15.09 -18.12
N PRO B 227 7.33 14.43 -17.24
CA PRO B 227 8.53 13.67 -17.61
C PRO B 227 8.36 12.60 -18.67
N LEU B 228 7.19 11.99 -18.75
CA LEU B 228 6.90 11.00 -19.79
C LEU B 228 6.95 11.59 -21.20
N ASP B 229 6.73 12.89 -21.33
CA ASP B 229 6.74 13.58 -22.63
C ASP B 229 8.18 13.97 -23.05
N HIS B 230 9.16 13.72 -22.19
CA HIS B 230 10.55 14.09 -22.39
C HIS B 230 11.50 12.90 -22.23
N GLY B 231 10.99 11.66 -22.32
CA GLY B 231 11.84 10.46 -22.31
C GLY B 231 11.80 9.56 -21.09
N ALA B 232 11.19 10.01 -19.97
CA ALA B 232 11.02 9.13 -18.80
C ALA B 232 10.09 7.98 -19.11
N ASP B 233 10.31 6.84 -18.46
CA ASP B 233 9.39 5.75 -18.53
C ASP B 233 8.33 5.76 -17.42
N LEU B 234 8.68 6.26 -16.27
CA LEU B 234 7.75 6.41 -15.15
C LEU B 234 7.83 7.75 -14.54
N SER B 235 6.63 8.32 -14.27
CA SER B 235 6.47 9.50 -13.46
C SER B 235 5.94 9.07 -12.10
N VAL B 236 6.68 9.35 -11.01
CA VAL B 236 6.40 8.81 -9.70
C VAL B 236 6.18 10.03 -8.78
N TYR B 237 5.31 9.85 -7.80
CA TYR B 237 4.82 10.88 -6.93
C TYR B 237 4.67 10.47 -5.51
N SER B 238 4.96 11.44 -4.63
CA SER B 238 4.28 11.47 -3.35
C SER B 238 3.04 12.39 -3.59
N LEU B 239 1.84 11.83 -3.58
CA LEU B 239 0.62 12.65 -3.75
C LEU B 239 0.34 13.27 -2.39
N THR B 240 0.96 12.76 -1.33
CA THR B 240 0.85 13.34 0.01
C THR B 240 1.20 14.84 -0.03
N LYS B 241 2.26 15.21 -0.72
CA LYS B 241 2.86 16.51 -0.52
C LYS B 241 2.03 17.63 -1.01
N TYR B 242 1.57 17.54 -2.25
CA TYR B 242 0.86 18.64 -2.88
C TYR B 242 -0.47 18.25 -3.45
N VAL B 243 -0.55 17.13 -4.17
CA VAL B 243 -1.85 16.75 -4.80
C VAL B 243 -3.00 16.58 -3.78
N GLY B 244 -2.74 15.82 -2.73
CA GLY B 244 -3.74 15.46 -1.75
C GLY B 244 -4.26 16.68 -1.01
N GLY B 245 -3.39 17.61 -0.69
CA GLY B 245 -3.81 18.86 -0.03
C GLY B 245 -4.13 18.69 1.46
N HIS B 246 -3.64 17.66 2.12
CA HIS B 246 -4.03 17.39 3.53
C HIS B 246 -3.10 16.35 4.12
N SER B 247 -2.66 16.57 5.34
CA SER B 247 -1.61 15.76 5.99
C SER B 247 -2.07 14.34 6.30
N ASP B 248 -3.38 14.18 6.52
CA ASP B 248 -4.00 12.87 6.73
C ASP B 248 -4.23 12.10 5.41
N LEU B 249 -3.96 12.70 4.27
CA LEU B 249 -4.05 11.97 3.00
C LEU B 249 -2.66 11.62 2.53
N ILE B 250 -2.29 10.37 2.70
CA ILE B 250 -0.99 9.90 2.35
C ILE B 250 -1.20 8.96 1.14
N ALA B 251 -0.45 9.18 0.09
CA ALA B 251 -0.57 8.36 -1.12
C ALA B 251 0.61 8.58 -2.02
N GLY B 252 0.93 7.56 -2.82
CA GLY B 252 1.86 7.71 -3.91
C GLY B 252 1.26 7.19 -5.23
N ALA B 253 1.93 7.49 -6.32
CA ALA B 253 1.54 6.96 -7.64
C ALA B 253 2.67 6.76 -8.59
N VAL B 254 2.45 5.90 -9.58
CA VAL B 254 3.39 5.66 -10.64
C VAL B 254 2.58 5.69 -11.92
N LEU B 255 3.06 6.44 -12.91
CA LEU B 255 2.41 6.61 -14.18
C LEU B 255 3.38 6.44 -15.37
N GLY B 256 2.81 5.97 -16.47
CA GLY B 256 3.52 5.67 -17.71
C GLY B 256 2.73 4.76 -18.61
N ALA B 257 3.45 4.19 -19.58
CA ALA B 257 2.86 3.26 -20.48
C ALA B 257 2.32 2.02 -19.80
N LYS B 258 1.34 1.46 -20.45
CA LYS B 258 0.58 0.37 -19.87
C LYS B 258 1.46 -0.82 -19.51
N SER B 259 2.39 -1.21 -20.34
CA SER B 259 3.11 -2.47 -20.01
C SER B 259 4.10 -2.24 -18.87
N VAL B 260 4.64 -1.05 -18.77
CA VAL B 260 5.57 -0.75 -17.73
C VAL B 260 4.84 -0.65 -16.38
N VAL B 261 3.68 0.00 -16.38
CA VAL B 261 2.87 0.16 -15.19
C VAL B 261 2.33 -1.19 -14.79
N ARG B 262 2.05 -2.08 -15.76
CA ARG B 262 1.52 -3.38 -15.44
C ARG B 262 2.57 -4.14 -14.60
N GLN B 263 3.83 -3.97 -14.93
CA GLN B 263 4.87 -4.66 -14.15
C GLN B 263 4.99 -4.15 -12.72
N VAL B 264 4.78 -2.87 -12.53
CA VAL B 264 4.78 -2.31 -11.18
C VAL B 264 3.53 -2.79 -10.46
N LYS B 265 2.37 -2.85 -11.14
CA LYS B 265 1.18 -3.40 -10.48
C LYS B 265 1.31 -4.80 -10.04
N ALA B 266 1.98 -5.62 -10.84
CA ALA B 266 2.12 -7.00 -10.41
C ALA B 266 2.93 -7.03 -9.11
N LEU B 267 3.96 -6.24 -9.03
CA LEU B 267 4.77 -6.18 -7.79
C LEU B 267 3.90 -5.61 -6.63
N ARG B 268 3.08 -4.62 -6.96
CA ARG B 268 2.21 -3.97 -5.99
C ARG B 268 1.21 -4.93 -5.32
N GLY B 269 0.68 -5.86 -6.11
CA GLY B 269 -0.16 -6.87 -5.59
C GLY B 269 0.62 -7.90 -4.79
N ALA B 270 1.85 -8.21 -5.15
CA ALA B 270 2.62 -9.15 -4.34
C ALA B 270 2.97 -8.66 -2.96
N ILE B 271 3.31 -7.41 -2.88
CA ILE B 271 3.85 -6.85 -1.67
C ILE B 271 2.79 -6.00 -0.94
N GLY B 272 1.63 -5.80 -1.55
CA GLY B 272 0.52 -5.19 -0.84
C GLY B 272 0.63 -3.71 -0.50
N THR B 273 1.11 -2.95 -1.46
CA THR B 273 1.36 -1.53 -1.33
C THR B 273 0.33 -0.61 -1.97
N GLN B 274 -0.80 -1.16 -2.31
CA GLN B 274 -1.87 -0.35 -2.90
C GLN B 274 -2.49 0.66 -1.92
N LEU B 275 -3.17 1.66 -2.46
CA LEU B 275 -3.86 2.66 -1.70
C LEU B 275 -5.27 2.12 -1.30
N ASP B 276 -5.63 2.33 -0.06
CA ASP B 276 -6.86 1.75 0.50
C ASP B 276 -8.10 2.50 -0.11
N PRO B 277 -9.27 1.89 -0.14
CA PRO B 277 -10.43 2.57 -0.79
C PRO B 277 -10.83 3.92 -0.25
N HIS B 278 -10.86 4.09 1.07
CA HIS B 278 -11.14 5.39 1.62
C HIS B 278 -10.19 6.49 1.22
N SER B 279 -8.88 6.20 1.25
CA SER B 279 -7.97 7.17 0.68
C SER B 279 -8.19 7.45 -0.78
N CYS B 280 -8.57 6.42 -1.58
CA CYS B 280 -8.90 6.67 -2.97
C CYS B 280 -10.08 7.68 -3.10
N TRP B 281 -11.07 7.54 -2.27
CA TRP B 281 -12.21 8.47 -2.27
C TRP B 281 -11.78 9.89 -1.95
N MET B 282 -10.96 10.05 -0.93
CA MET B 282 -10.47 11.37 -0.51
C MET B 282 -9.61 11.99 -1.61
N LEU B 283 -8.76 11.17 -2.27
CA LEU B 283 -7.95 11.65 -3.38
C LEU B 283 -8.81 12.12 -4.54
N GLY B 284 -9.82 11.33 -4.88
CA GLY B 284 -10.83 11.70 -5.89
C GLY B 284 -11.40 13.06 -5.53
N ARG B 285 -11.70 13.28 -4.26
CA ARG B 285 -12.14 14.63 -3.91
C ARG B 285 -11.06 15.70 -4.07
N SER B 286 -9.79 15.42 -3.72
CA SER B 286 -8.77 16.43 -3.88
C SER B 286 -8.52 16.82 -5.30
N LEU B 287 -8.49 15.81 -6.19
CA LEU B 287 -8.31 16.08 -7.58
C LEU B 287 -9.26 17.15 -8.14
N GLU B 288 -10.47 17.23 -7.58
CA GLU B 288 -11.51 18.19 -8.03
C GLU B 288 -10.99 19.64 -8.03
N THR B 289 -10.16 19.95 -7.05
CA THR B 289 -9.59 21.28 -6.88
C THR B 289 -8.08 21.39 -7.18
N LEU B 290 -7.43 20.33 -7.67
CA LEU B 290 -5.97 20.33 -7.94
C LEU B 290 -5.52 21.48 -8.82
N GLY B 291 -6.23 21.71 -9.91
CA GLY B 291 -5.82 22.67 -10.92
C GLY B 291 -5.94 24.05 -10.28
N LEU B 292 -7.00 24.26 -9.52
CA LEU B 292 -7.18 25.55 -8.76
C LEU B 292 -6.10 25.77 -7.72
N ARG B 293 -5.82 24.73 -6.94
CA ARG B 293 -4.81 24.85 -5.88
C ARG B 293 -3.41 25.02 -6.44
N MET B 294 -3.06 24.26 -7.46
CA MET B 294 -1.73 24.36 -8.06
C MET B 294 -1.50 25.75 -8.71
N GLU B 295 -2.50 26.30 -9.38
CA GLU B 295 -2.33 27.47 -10.13
C GLU B 295 -2.23 28.66 -9.18
N ARG B 296 -2.90 28.57 -8.04
CA ARG B 296 -2.81 29.63 -7.05
C ARG B 296 -1.49 29.62 -6.27
N ALA B 297 -1.12 28.44 -5.82
CA ALA B 297 0.17 28.24 -5.22
C ALA B 297 1.29 28.84 -6.10
N ASP B 298 1.26 28.54 -7.40
CA ASP B 298 2.27 28.93 -8.35
C ASP B 298 2.24 30.45 -8.60
N SER B 299 1.07 31.03 -8.79
CA SER B 299 0.97 32.50 -8.90
C SER B 299 1.38 33.20 -7.57
N ASN B 300 1.04 32.62 -6.44
CA ASN B 300 1.49 33.16 -5.17
C ASN B 300 3.01 33.13 -5.03
N ALA B 301 3.63 32.02 -5.43
CA ALA B 301 5.05 31.91 -5.37
C ALA B 301 5.75 32.94 -6.26
N ARG B 302 5.21 33.21 -7.44
CA ARG B 302 5.74 34.24 -8.34
C ARG B 302 5.67 35.66 -7.73
N ALA B 303 4.52 36.05 -7.18
CA ALA B 303 4.39 37.35 -6.54
C ALA B 303 5.39 37.50 -5.37
N ILE B 304 5.53 36.44 -4.60
CA ILE B 304 6.48 36.44 -3.49
C ILE B 304 7.92 36.51 -4.00
N ALA B 305 8.20 35.84 -5.09
CA ALA B 305 9.52 35.83 -5.65
C ALA B 305 9.89 37.25 -6.11
N GLU B 306 8.98 37.92 -6.80
CA GLU B 306 9.22 39.30 -7.25
C GLU B 306 9.50 40.22 -6.06
N PHE B 307 8.79 40.01 -4.94
CA PHE B 307 8.96 40.81 -3.74
C PHE B 307 10.31 40.55 -3.12
N LEU B 308 10.74 39.29 -3.04
CA LEU B 308 12.03 39.03 -2.39
C LEU B 308 13.24 39.49 -3.22
N ARG B 309 13.06 39.51 -4.53
CA ARG B 309 14.07 39.91 -5.46
C ARG B 309 14.14 41.45 -5.35
N ASN B 310 15.34 41.98 -5.20
CA ASN B 310 15.51 43.41 -4.94
C ASN B 310 15.06 43.80 -3.51
N HIS B 311 14.73 42.85 -2.63
CA HIS B 311 14.55 43.18 -1.22
C HIS B 311 15.92 43.32 -0.57
N PRO B 312 16.16 44.48 0.08
CA PRO B 312 17.48 44.77 0.64
C PRO B 312 18.08 43.60 1.39
N LYS B 313 17.28 42.93 2.24
CA LYS B 313 17.80 41.85 3.14
C LYS B 313 17.99 40.45 2.55
N VAL B 314 17.79 40.30 1.24
CA VAL B 314 17.90 39.04 0.51
C VAL B 314 19.18 38.94 -0.31
N GLU B 315 20.06 38.02 0.05
CA GLU B 315 21.30 37.79 -0.69
C GLU B 315 21.07 37.20 -2.07
N LYS B 316 20.28 36.14 -2.12
CA LYS B 316 20.17 35.23 -3.29
C LYS B 316 18.80 34.55 -3.27
N LEU B 317 18.20 34.36 -4.45
CA LEU B 317 16.92 33.71 -4.66
C LEU B 317 17.14 32.48 -5.60
N HIS B 318 16.80 31.28 -5.15
CA HIS B 318 16.90 30.09 -5.99
C HIS B 318 15.48 29.80 -6.61
N TYR B 319 15.16 30.59 -7.63
CA TYR B 319 13.84 30.63 -8.28
C TYR B 319 14.02 30.53 -9.79
N LEU B 320 13.56 29.42 -10.35
CA LEU B 320 14.00 29.06 -11.69
C LEU B 320 13.65 30.07 -12.78
N PRO B 321 12.47 30.71 -12.72
CA PRO B 321 12.17 31.75 -13.71
C PRO B 321 13.12 32.98 -13.72
N PHE B 322 13.86 33.20 -12.64
CA PHE B 322 14.90 34.25 -12.57
C PHE B 322 16.34 33.82 -12.84
N ALA B 323 16.55 32.62 -13.34
CA ALA B 323 17.86 32.19 -13.83
C ALA B 323 18.21 32.99 -15.11
N ASP B 324 19.50 33.23 -15.39
CA ASP B 324 19.92 34.08 -16.54
C ASP B 324 19.54 33.43 -17.84
N GLU B 325 18.98 34.23 -18.76
CA GLU B 325 18.45 33.80 -20.08
C GLU B 325 19.41 32.95 -20.83
N ARG B 326 20.68 33.31 -20.74
CA ARG B 326 21.70 32.62 -21.49
C ARG B 326 22.14 31.28 -20.83
N SER B 327 21.85 31.04 -19.53
CA SER B 327 22.31 29.80 -18.85
C SER B 327 21.68 28.49 -19.37
N ASP B 328 22.42 27.39 -19.24
CA ASP B 328 21.88 26.07 -19.62
C ASP B 328 20.64 25.72 -18.75
N ILE B 329 20.65 26.07 -17.47
CA ILE B 329 19.51 25.87 -16.59
C ILE B 329 18.25 26.55 -17.13
N ALA B 330 18.37 27.82 -17.52
CA ALA B 330 17.22 28.55 -18.05
C ALA B 330 16.70 27.87 -19.30
N ALA B 331 17.59 27.47 -20.18
CA ALA B 331 17.19 26.81 -21.43
C ALA B 331 16.44 25.49 -21.17
N LEU B 332 16.96 24.71 -20.24
CA LEU B 332 16.34 23.41 -19.87
C LEU B 332 14.93 23.62 -19.27
N PHE B 333 14.85 24.45 -18.23
CA PHE B 333 13.59 24.79 -17.59
C PHE B 333 12.55 25.22 -18.61
N LYS B 334 13.01 25.94 -19.62
CA LYS B 334 12.16 26.49 -20.62
C LYS B 334 11.67 25.40 -21.53
N ARG B 335 12.40 24.34 -21.72
CA ARG B 335 11.81 23.32 -22.60
C ARG B 335 11.16 22.14 -21.90
N GLN B 336 11.39 22.00 -20.60
CA GLN B 336 10.93 20.83 -19.82
C GLN B 336 9.77 21.11 -18.88
N CYS B 337 9.57 22.38 -18.53
CA CYS B 337 8.60 22.77 -17.53
C CYS B 337 7.69 23.84 -18.12
N THR B 338 6.48 23.99 -17.56
CA THR B 338 5.53 25.03 -17.97
C THR B 338 5.22 25.94 -16.82
N GLY B 339 5.94 25.78 -15.71
CA GLY B 339 5.78 26.65 -14.54
C GLY B 339 6.78 26.28 -13.47
N ALA B 340 6.86 27.08 -12.41
CA ALA B 340 7.87 26.86 -11.36
C ALA B 340 7.32 26.20 -10.14
N GLY B 341 6.01 26.03 -10.03
CA GLY B 341 5.42 25.43 -8.82
C GLY B 341 5.55 26.39 -7.65
N SER B 342 5.54 25.85 -6.43
CA SER B 342 5.34 26.71 -5.27
C SER B 342 6.48 26.69 -4.30
N THR B 343 7.51 25.87 -4.57
CA THR B 343 8.60 25.69 -3.62
C THR B 343 9.92 26.28 -4.17
N PHE B 344 10.59 27.05 -3.32
CA PHE B 344 11.88 27.70 -3.69
C PHE B 344 12.57 28.14 -2.41
N SER B 345 13.72 28.76 -2.57
CA SER B 345 14.60 29.12 -1.47
C SER B 345 15.24 30.48 -1.76
N PHE B 346 15.59 31.15 -0.67
CA PHE B 346 16.42 32.37 -0.68
C PHE B 346 17.42 32.38 0.50
N ASP B 347 18.53 33.09 0.31
CA ASP B 347 19.55 33.29 1.35
C ASP B 347 19.40 34.73 1.83
N ILE B 348 19.21 34.85 3.11
CA ILE B 348 18.99 36.09 3.78
C ILE B 348 20.39 36.76 4.05
N LYS B 349 20.44 38.10 4.12
CA LYS B 349 21.68 38.78 4.57
C LYS B 349 21.79 38.62 6.10
N GLY B 350 22.95 38.16 6.60
CA GLY B 350 23.18 38.01 8.05
C GLY B 350 23.35 36.63 8.66
N GLY B 351 23.59 35.61 7.84
CA GLY B 351 23.68 34.22 8.36
C GLY B 351 22.53 33.70 9.24
N GLN B 352 22.87 32.73 10.07
CA GLN B 352 22.00 31.90 10.93
C GLN B 352 21.13 32.81 11.75
N ALA B 353 21.75 33.62 12.62
CA ALA B 353 20.99 34.43 13.61
C ALA B 353 19.89 35.31 13.00
N ALA B 354 20.16 35.88 11.84
CA ALA B 354 19.16 36.62 11.11
C ALA B 354 18.05 35.67 10.52
N ALA B 355 18.47 34.57 9.89
CA ALA B 355 17.53 33.56 9.37
C ALA B 355 16.59 33.07 10.45
N PHE B 356 17.13 32.80 11.64
CA PHE B 356 16.29 32.40 12.76
C PHE B 356 15.38 33.53 13.18
N ARG B 357 15.91 34.74 13.29
CA ARG B 357 15.05 35.84 13.74
C ARG B 357 13.86 36.01 12.77
N PHE B 358 14.11 35.82 11.49
CA PHE B 358 13.13 36.00 10.43
C PHE B 358 12.05 34.92 10.63
N LEU B 359 12.49 33.68 10.72
CA LEU B 359 11.59 32.56 11.01
C LEU B 359 10.74 32.80 12.23
N ASN B 360 11.38 33.16 13.33
CA ASN B 360 10.68 33.36 14.62
C ASN B 360 9.64 34.45 14.58
N ALA B 361 9.82 35.37 13.64
CA ALA B 361 8.92 36.48 13.49
C ALA B 361 7.68 36.17 12.68
N LEU B 362 7.72 35.12 11.86
CA LEU B 362 6.60 34.88 10.96
C LEU B 362 5.33 34.59 11.76
N GLN B 363 4.24 35.15 11.30
CA GLN B 363 2.96 34.92 11.87
C GLN B 363 1.97 34.18 10.98
N ILE B 364 2.13 34.26 9.65
CA ILE B 364 1.22 33.62 8.69
C ILE B 364 1.88 32.38 8.12
N LEU B 365 3.05 32.50 7.52
CA LEU B 365 3.75 31.27 7.09
C LEU B 365 4.08 30.50 8.35
N LYS B 366 3.96 29.16 8.31
CA LYS B 366 4.25 28.32 9.47
C LYS B 366 5.58 27.64 9.38
N LEU B 367 6.20 27.38 10.53
CA LEU B 367 7.46 26.65 10.56
C LEU B 367 7.26 25.15 10.58
N ALA B 368 7.73 24.42 9.56
CA ALA B 368 7.64 22.92 9.58
C ALA B 368 8.61 22.21 8.57
N VAL B 369 8.22 21.05 7.99
CA VAL B 369 8.99 20.32 6.96
C VAL B 369 8.08 19.54 5.97
N GLY B 373 0.96 20.71 1.93
CA GLY B 373 0.52 21.71 0.96
C GLY B 373 -0.69 22.48 1.47
N THR B 374 -1.16 23.40 0.65
CA THR B 374 -2.31 24.22 0.96
C THR B 374 -1.95 25.46 1.85
N GLU B 375 -1.41 25.19 3.02
CA GLU B 375 -0.82 26.23 3.92
C GLU B 375 0.66 26.61 3.56
N SER B 376 1.06 27.86 3.69
CA SER B 376 2.43 28.29 3.32
C SER B 376 3.36 27.95 4.46
N LEU B 377 4.55 27.50 4.15
CA LEU B 377 5.49 27.02 5.15
C LEU B 377 6.88 27.62 4.90
N ALA B 378 7.63 27.75 5.98
CA ALA B 378 9.04 28.20 5.98
C ALA B 378 9.86 27.23 6.83
N SER B 379 11.06 26.90 6.36
CA SER B 379 11.97 26.05 7.11
C SER B 379 13.41 26.43 6.84
N HIS B 380 14.27 25.84 7.64
CA HIS B 380 15.71 26.08 7.58
C HIS B 380 16.38 24.75 7.25
N PRO B 381 16.72 24.52 5.98
CA PRO B 381 17.22 23.19 5.64
C PRO B 381 18.53 22.79 6.36
N ALA B 382 19.41 23.77 6.63
CA ALA B 382 20.64 23.43 7.35
C ALA B 382 20.36 22.73 8.68
N ALA B 383 19.43 23.24 9.49
CA ALA B 383 19.19 22.70 10.84
C ALA B 383 18.57 21.27 10.84
N VAL B 391 29.38 19.90 5.44
CA VAL B 391 29.34 21.34 5.17
C VAL B 391 29.47 21.59 3.65
N ASP B 392 30.41 20.89 3.02
CA ASP B 392 30.62 20.94 1.57
C ASP B 392 29.43 20.38 0.76
N VAL B 393 28.80 19.34 1.32
CA VAL B 393 27.58 18.71 0.74
C VAL B 393 26.45 19.75 0.67
N ARG B 394 26.15 20.34 1.83
CA ARG B 394 25.12 21.37 1.99
C ARG B 394 25.38 22.63 1.12
N GLU B 395 26.63 23.09 1.06
CA GLU B 395 26.95 24.27 0.26
C GLU B 395 26.84 23.98 -1.23
N ARG B 396 27.32 22.80 -1.69
CA ARG B 396 27.22 22.40 -3.11
C ARG B 396 25.75 22.48 -3.59
N ILE B 397 24.82 22.13 -2.69
CA ILE B 397 23.38 22.18 -2.97
C ILE B 397 22.89 23.61 -2.94
N GLY B 398 23.58 24.45 -2.17
CA GLY B 398 23.16 25.83 -1.97
C GLY B 398 22.30 25.93 -0.75
N VAL B 399 22.58 25.06 0.23
CA VAL B 399 22.05 25.12 1.57
C VAL B 399 23.15 25.69 2.48
N LEU B 400 23.01 26.98 2.76
CA LEU B 400 23.83 27.70 3.69
C LEU B 400 23.04 27.83 4.98
N GLU B 401 23.67 28.41 5.97
CA GLU B 401 22.98 28.70 7.23
C GLU B 401 22.11 29.94 7.10
N SER B 402 22.26 30.67 6.02
CA SER B 402 21.40 31.80 5.73
C SER B 402 20.17 31.36 4.94
N THR B 403 20.06 30.06 4.61
CA THR B 403 19.07 29.56 3.63
C THR B 403 17.69 29.27 4.29
N ILE B 404 16.67 29.87 3.68
CA ILE B 404 15.29 29.70 4.11
C ILE B 404 14.60 29.04 2.94
N ARG B 405 13.92 27.90 3.17
CA ARG B 405 13.08 27.22 2.18
C ARG B 405 11.60 27.59 2.44
N LEU B 406 10.94 28.09 1.41
CA LEU B 406 9.51 28.44 1.42
C LEU B 406 8.72 27.47 0.57
N SER B 407 7.61 26.99 1.11
CA SER B 407 6.68 26.18 0.30
C SER B 407 5.37 26.91 0.34
N ILE B 408 4.96 27.47 -0.78
CA ILE B 408 3.90 28.43 -0.76
C ILE B 408 2.54 27.74 -1.05
N GLY B 409 1.54 28.08 -0.23
CA GLY B 409 0.18 27.57 -0.22
C GLY B 409 -0.75 28.54 -0.93
N ILE B 410 -2.02 28.55 -0.49
CA ILE B 410 -3.08 29.23 -1.25
C ILE B 410 -3.68 30.42 -0.54
N GLU B 411 -3.04 30.88 0.55
CA GLU B 411 -3.41 32.20 1.19
C GLU B 411 -3.41 33.37 0.25
N HIS B 412 -3.88 34.54 0.70
CA HIS B 412 -3.89 35.73 -0.21
C HIS B 412 -2.43 36.20 -0.36
N PRO B 413 -1.98 36.54 -1.59
CA PRO B 413 -0.60 36.91 -1.76
C PRO B 413 -0.18 38.16 -0.98
N ASP B 414 -1.04 39.17 -0.97
CA ASP B 414 -0.84 40.35 -0.12
C ASP B 414 -0.55 40.01 1.32
N ASP B 415 -1.31 39.07 1.91
CA ASP B 415 -1.09 38.70 3.29
C ASP B 415 0.25 37.97 3.49
N LEU B 416 0.62 37.11 2.54
CA LEU B 416 1.90 36.42 2.65
C LEU B 416 3.07 37.43 2.60
N ILE B 417 3.01 38.30 1.60
CA ILE B 417 4.03 39.35 1.39
C ILE B 417 4.13 40.23 2.68
N ALA B 418 3.00 40.70 3.19
CA ALA B 418 2.99 41.48 4.43
C ALA B 418 3.77 40.78 5.51
N ASP B 419 3.47 39.51 5.75
CA ASP B 419 4.15 38.71 6.79
C ASP B 419 5.63 38.55 6.50
N LEU B 420 5.99 38.40 5.24
CA LEU B 420 7.40 38.28 4.87
C LEU B 420 8.18 39.62 5.14
N ALA B 421 7.68 40.72 4.61
CA ALA B 421 8.19 42.09 4.96
C ALA B 421 8.47 42.33 6.46
N GLN B 422 7.49 42.09 7.30
CA GLN B 422 7.67 42.36 8.69
C GLN B 422 8.64 41.38 9.28
N ALA B 423 8.55 40.09 8.95
CA ALA B 423 9.55 39.15 9.52
C ALA B 423 10.98 39.49 9.12
N LEU B 424 11.17 40.04 7.92
CA LEU B 424 12.49 40.30 7.38
C LEU B 424 13.19 41.41 8.21
N ASP B 425 13.36 41.13 9.51
CA ASP B 425 12.84 41.98 10.64
C ASP B 425 12.87 43.42 10.28
N ALA B 426 11.93 43.81 9.40
CA ALA B 426 11.95 45.10 8.70
C ALA B 426 10.54 45.63 8.52
#